data_2LOH
#
_entry.id   2LOH
#
_entity_poly.entity_id   1
_entity_poly.type   'polypeptide(L)'
_entity_poly.pdbx_seq_one_letter_code
;GSQKLVFFAEDVGSNKGAIIGLMVGGVVIATVIVITLVMLKKK
;
_entity_poly.pdbx_strand_id   A,B
#
# COMPACT_ATOMS: atom_id res chain seq x y z
N GLY A 1 3.36 20.57 -3.63
CA GLY A 1 4.35 19.53 -3.83
C GLY A 1 4.60 18.73 -2.56
N SER A 2 4.81 19.43 -1.46
CA SER A 2 5.07 18.78 -0.18
C SER A 2 4.34 19.49 0.96
N GLN A 3 4.84 20.66 1.34
CA GLN A 3 4.24 21.45 2.41
C GLN A 3 2.77 21.76 2.10
N LYS A 4 2.53 22.27 0.90
CA LYS A 4 1.18 22.61 0.48
C LYS A 4 0.24 21.43 0.66
N LEU A 5 0.68 20.25 0.22
CA LEU A 5 -0.13 19.04 0.34
C LEU A 5 -0.61 18.84 1.77
N VAL A 6 0.20 19.29 2.72
CA VAL A 6 -0.16 19.16 4.14
C VAL A 6 -1.23 20.17 4.53
N PHE A 7 -1.11 21.39 3.99
CA PHE A 7 -2.08 22.45 4.28
C PHE A 7 -3.50 21.97 4.02
N PHE A 8 -3.68 21.20 2.96
CA PHE A 8 -5.00 20.67 2.61
C PHE A 8 -5.60 19.88 3.76
N ALA A 9 -4.74 19.26 4.55
CA ALA A 9 -5.19 18.46 5.69
C ALA A 9 -5.77 19.35 6.78
N GLU A 10 -5.23 20.57 6.90
CA GLU A 10 -5.69 21.51 7.90
C GLU A 10 -7.09 22.03 7.56
N ASP A 11 -7.36 22.20 6.27
CA ASP A 11 -8.65 22.68 5.83
C ASP A 11 -9.65 21.55 5.72
N VAL A 12 -9.25 20.46 5.07
CA VAL A 12 -10.11 19.30 4.89
C VAL A 12 -9.77 18.21 5.91
N GLY A 13 -8.58 17.64 5.79
CA GLY A 13 -8.16 16.60 6.71
C GLY A 13 -8.90 15.29 6.47
N SER A 14 -9.43 15.12 5.27
CA SER A 14 -10.17 13.91 4.93
C SER A 14 -9.61 13.27 3.66
N ASN A 15 -8.36 13.60 3.35
CA ASN A 15 -7.70 13.06 2.18
C ASN A 15 -6.49 12.21 2.56
N LYS A 16 -5.68 12.74 3.47
CA LYS A 16 -4.50 12.04 3.94
C LYS A 16 -4.84 10.62 4.39
N GLY A 17 -6.05 10.45 4.89
CA GLY A 17 -6.49 9.14 5.35
C GLY A 17 -6.54 8.12 4.23
N ALA A 18 -6.89 8.57 3.03
CA ALA A 18 -6.97 7.69 1.87
C ALA A 18 -5.59 7.25 1.42
N ILE A 19 -4.70 8.21 1.19
CA ILE A 19 -3.35 7.92 0.75
C ILE A 19 -2.61 7.07 1.77
N ILE A 20 -2.54 7.58 3.01
CA ILE A 20 -1.86 6.87 4.09
C ILE A 20 -2.47 5.49 4.31
N GLY A 21 -3.79 5.45 4.42
CA GLY A 21 -4.48 4.18 4.63
C GLY A 21 -4.23 3.20 3.51
N LEU A 22 -3.96 3.71 2.31
CA LEU A 22 -3.69 2.86 1.16
C LEU A 22 -2.33 2.21 1.26
N MET A 23 -1.31 3.02 1.54
CA MET A 23 0.05 2.52 1.67
C MET A 23 0.21 1.67 2.93
N VAL A 24 -0.40 2.12 4.02
CA VAL A 24 -0.33 1.40 5.29
C VAL A 24 -1.10 0.09 5.21
N GLY A 25 -2.36 0.18 4.79
CA GLY A 25 -3.19 -1.01 4.69
C GLY A 25 -2.59 -2.05 3.74
N GLY A 26 -2.07 -1.58 2.61
CA GLY A 26 -1.49 -2.49 1.63
C GLY A 26 -0.30 -3.24 2.20
N VAL A 27 0.63 -2.51 2.81
CA VAL A 27 1.82 -3.13 3.39
C VAL A 27 1.46 -4.10 4.50
N VAL A 28 0.52 -3.68 5.36
CA VAL A 28 0.08 -4.53 6.47
C VAL A 28 -0.61 -5.79 5.97
N ILE A 29 -1.71 -5.60 5.24
CA ILE A 29 -2.46 -6.73 4.70
C ILE A 29 -1.55 -7.67 3.90
N ALA A 30 -0.70 -7.09 3.07
CA ALA A 30 0.22 -7.88 2.25
C ALA A 30 1.01 -8.85 3.12
N THR A 31 1.72 -8.31 4.12
CA THR A 31 2.52 -9.14 5.01
C THR A 31 1.66 -10.18 5.71
N VAL A 32 0.48 -9.78 6.15
CA VAL A 32 -0.44 -10.68 6.83
C VAL A 32 -0.66 -11.96 6.02
N ILE A 33 -1.01 -11.79 4.75
CA ILE A 33 -1.24 -12.93 3.88
C ILE A 33 0.02 -13.75 3.68
N VAL A 34 1.16 -13.06 3.63
CA VAL A 34 2.45 -13.73 3.45
C VAL A 34 2.76 -14.65 4.62
N ILE A 35 2.72 -14.09 5.83
CA ILE A 35 3.00 -14.86 7.03
C ILE A 35 2.04 -16.05 7.17
N THR A 36 0.78 -15.82 6.82
CA THR A 36 -0.23 -16.87 6.90
C THR A 36 0.09 -18.01 5.93
N LEU A 37 0.58 -17.65 4.75
CA LEU A 37 0.93 -18.65 3.74
C LEU A 37 2.15 -19.47 4.17
N VAL A 38 3.16 -18.78 4.70
CA VAL A 38 4.38 -19.43 5.16
C VAL A 38 4.08 -20.44 6.26
N MET A 39 3.19 -20.04 7.18
CA MET A 39 2.82 -20.92 8.30
C MET A 39 2.01 -22.12 7.79
N LEU A 40 1.14 -21.87 6.82
CA LEU A 40 0.31 -22.94 6.27
C LEU A 40 1.16 -23.98 5.56
N LYS A 41 2.15 -23.52 4.81
CA LYS A 41 3.04 -24.42 4.07
C LYS A 41 4.11 -25.00 5.00
N LYS A 42 4.42 -24.27 6.07
CA LYS A 42 5.42 -24.71 7.03
C LYS A 42 5.11 -26.13 7.52
N LYS A 43 4.00 -26.27 8.23
CA LYS A 43 3.58 -27.57 8.75
C LYS A 43 3.02 -28.45 7.64
N GLY B 1 4.78 29.00 -1.72
CA GLY B 1 3.48 28.93 -1.09
C GLY B 1 2.57 27.91 -1.75
N SER B 2 2.50 27.95 -3.08
CA SER B 2 1.66 27.01 -3.82
C SER B 2 2.37 26.52 -5.07
N GLN B 3 2.46 27.39 -6.07
CA GLN B 3 3.11 27.04 -7.32
C GLN B 3 4.55 26.59 -7.09
N LYS B 4 5.29 27.38 -6.32
CA LYS B 4 6.68 27.06 -6.01
C LYS B 4 6.80 25.64 -5.47
N LEU B 5 5.92 25.28 -4.54
CA LEU B 5 5.93 23.95 -3.95
C LEU B 5 5.93 22.87 -5.03
N VAL B 6 5.29 23.17 -6.15
CA VAL B 6 5.21 22.23 -7.26
C VAL B 6 6.53 22.17 -8.02
N PHE B 7 7.19 23.32 -8.16
CA PHE B 7 8.45 23.41 -8.88
C PHE B 7 9.44 22.39 -8.33
N PHE B 8 9.38 22.15 -7.02
CA PHE B 8 10.28 21.19 -6.38
C PHE B 8 10.21 19.83 -7.06
N ALA B 9 9.03 19.50 -7.58
CA ALA B 9 8.83 18.22 -8.26
C ALA B 9 9.54 18.20 -9.60
N GLU B 10 9.62 19.36 -10.25
CA GLU B 10 10.27 19.48 -11.55
C GLU B 10 11.79 19.36 -11.40
N ASP B 11 12.30 19.81 -10.26
CA ASP B 11 13.73 19.75 -9.99
C ASP B 11 14.16 18.35 -9.56
N VAL B 12 13.39 17.77 -8.64
CA VAL B 12 13.68 16.43 -8.15
C VAL B 12 12.86 15.38 -8.88
N GLY B 13 11.56 15.36 -8.62
CA GLY B 13 10.68 14.40 -9.27
C GLY B 13 10.95 12.98 -8.82
N SER B 14 11.52 12.84 -7.62
CA SER B 14 11.83 11.52 -7.08
C SER B 14 11.14 11.30 -5.73
N ASN B 15 10.03 12.00 -5.52
CA ASN B 15 9.27 11.89 -4.28
C ASN B 15 7.90 11.25 -4.54
N LYS B 16 7.21 11.75 -5.55
CA LYS B 16 5.89 11.24 -5.90
C LYS B 16 5.93 9.73 -6.11
N GLY B 17 7.08 9.23 -6.56
CA GLY B 17 7.22 7.80 -6.80
C GLY B 17 7.12 6.99 -5.52
N ALA B 18 7.53 7.59 -4.40
CA ALA B 18 7.48 6.91 -3.12
C ALA B 18 6.04 6.70 -2.67
N ILE B 19 5.26 7.77 -2.65
CA ILE B 19 3.86 7.69 -2.24
C ILE B 19 3.07 6.76 -3.16
N ILE B 20 3.09 7.05 -4.45
CA ILE B 20 2.38 6.25 -5.44
C ILE B 20 2.88 4.80 -5.42
N GLY B 21 4.20 4.64 -5.47
CA GLY B 21 4.78 3.31 -5.47
C GLY B 21 4.43 2.52 -4.21
N LEU B 22 4.16 3.25 -3.13
CA LEU B 22 3.80 2.61 -1.86
C LEU B 22 2.38 2.07 -1.91
N MET B 23 1.44 2.90 -2.35
CA MET B 23 0.04 2.49 -2.44
C MET B 23 -0.15 1.48 -3.56
N VAL B 24 0.51 1.71 -4.69
CA VAL B 24 0.40 0.81 -5.83
C VAL B 24 1.06 -0.53 -5.54
N GLY B 25 2.32 -0.48 -5.11
CA GLY B 25 3.04 -1.70 -4.79
C GLY B 25 2.36 -2.52 -3.71
N GLY B 26 1.87 -1.84 -2.67
CA GLY B 26 1.21 -2.52 -1.59
C GLY B 26 -0.04 -3.27 -2.04
N VAL B 27 -0.89 -2.59 -2.79
CA VAL B 27 -2.13 -3.19 -3.29
C VAL B 27 -1.81 -4.36 -4.23
N VAL B 28 -0.85 -4.15 -5.12
CA VAL B 28 -0.47 -5.18 -6.08
C VAL B 28 0.12 -6.39 -5.37
N ILE B 29 1.23 -6.18 -4.66
CA ILE B 29 1.89 -7.26 -3.93
C ILE B 29 0.91 -8.00 -3.03
N ALA B 30 0.09 -7.23 -2.31
CA ALA B 30 -0.89 -7.81 -1.40
C ALA B 30 -1.74 -8.85 -2.12
N THR B 31 -2.39 -8.43 -3.20
CA THR B 31 -3.25 -9.34 -3.97
C THR B 31 -2.47 -10.53 -4.48
N VAL B 32 -1.25 -10.27 -4.96
CA VAL B 32 -0.39 -11.33 -5.49
C VAL B 32 -0.26 -12.48 -4.48
N ILE B 33 0.08 -12.14 -3.25
CA ILE B 33 0.24 -13.15 -2.19
C ILE B 33 -1.08 -13.84 -1.90
N VAL B 34 -2.17 -13.08 -1.97
CA VAL B 34 -3.50 -13.62 -1.72
C VAL B 34 -3.87 -14.68 -2.74
N ILE B 35 -3.78 -14.33 -4.02
CA ILE B 35 -4.11 -15.25 -5.09
C ILE B 35 -3.23 -16.49 -5.03
N THR B 36 -1.96 -16.30 -4.72
CA THR B 36 -1.01 -17.40 -4.62
C THR B 36 -1.39 -18.35 -3.50
N LEU B 37 -1.87 -17.80 -2.39
CA LEU B 37 -2.28 -18.62 -1.25
C LEU B 37 -3.54 -19.42 -1.57
N VAL B 38 -4.50 -18.76 -2.21
CA VAL B 38 -5.75 -19.42 -2.58
C VAL B 38 -5.50 -20.60 -3.51
N MET B 39 -4.59 -20.41 -4.46
CA MET B 39 -4.26 -21.45 -5.42
C MET B 39 -3.51 -22.60 -4.74
N LEU B 40 -2.64 -22.26 -3.80
CA LEU B 40 -1.86 -23.25 -3.08
C LEU B 40 -2.77 -24.13 -2.23
N LYS B 41 -3.74 -23.51 -1.57
CA LYS B 41 -4.68 -24.24 -0.72
C LYS B 41 -5.76 -24.91 -1.56
N LYS B 42 -6.03 -24.35 -2.73
CA LYS B 42 -7.04 -24.89 -3.63
C LYS B 42 -6.80 -26.37 -3.90
N LYS B 43 -5.68 -26.68 -4.55
CA LYS B 43 -5.34 -28.06 -4.86
C LYS B 43 -4.82 -28.79 -3.61
N GLY A 1 -23.95 3.71 10.81
CA GLY A 1 -22.92 3.82 9.79
C GLY A 1 -23.06 2.75 8.72
N SER A 2 -23.05 3.16 7.46
CA SER A 2 -23.18 2.22 6.35
C SER A 2 -21.89 2.20 5.51
N GLN A 3 -21.77 1.19 4.66
CA GLN A 3 -20.60 1.05 3.80
C GLN A 3 -20.60 2.11 2.70
N LYS A 4 -21.79 2.53 2.30
CA LYS A 4 -21.94 3.54 1.25
C LYS A 4 -21.11 4.78 1.58
N LEU A 5 -21.02 5.11 2.86
CA LEU A 5 -20.25 6.27 3.30
C LEU A 5 -18.77 6.11 2.95
N VAL A 6 -18.24 4.91 3.15
CA VAL A 6 -16.84 4.63 2.85
C VAL A 6 -16.55 4.86 1.38
N PHE A 7 -17.48 4.46 0.53
CA PHE A 7 -17.31 4.62 -0.91
C PHE A 7 -16.97 6.07 -1.27
N PHE A 8 -17.59 7.00 -0.57
CA PHE A 8 -17.36 8.42 -0.80
C PHE A 8 -15.87 8.74 -0.74
N ALA A 9 -15.19 8.15 0.23
CA ALA A 9 -13.76 8.38 0.41
C ALA A 9 -12.97 7.93 -0.83
N GLU A 10 -13.42 6.82 -1.43
CA GLU A 10 -12.77 6.28 -2.62
C GLU A 10 -13.15 7.09 -3.86
N ASP A 11 -14.37 7.59 -3.87
CA ASP A 11 -14.87 8.38 -4.99
C ASP A 11 -14.06 9.66 -5.15
N VAL A 12 -13.72 10.29 -4.04
CA VAL A 12 -12.96 11.53 -4.06
C VAL A 12 -11.46 11.25 -3.92
N GLY A 13 -11.07 10.72 -2.76
CA GLY A 13 -9.67 10.42 -2.53
C GLY A 13 -8.89 11.62 -2.02
N SER A 14 -9.57 12.48 -1.26
CA SER A 14 -8.93 13.67 -0.72
C SER A 14 -8.71 13.54 0.78
N ASN A 15 -9.57 12.77 1.44
CA ASN A 15 -9.48 12.55 2.88
C ASN A 15 -8.14 11.91 3.24
N LYS A 16 -7.40 12.56 4.14
CA LYS A 16 -6.11 12.04 4.57
C LYS A 16 -6.24 10.61 5.09
N GLY A 17 -7.30 10.36 5.83
CA GLY A 17 -7.53 9.02 6.38
C GLY A 17 -7.51 7.95 5.31
N ALA A 18 -8.00 8.29 4.13
CA ALA A 18 -8.05 7.35 3.02
C ALA A 18 -6.64 7.03 2.52
N ILE A 19 -5.87 8.07 2.23
CA ILE A 19 -4.50 7.91 1.74
C ILE A 19 -3.68 7.07 2.71
N ILE A 20 -3.58 7.53 3.96
CA ILE A 20 -2.82 6.81 4.97
C ILE A 20 -3.25 5.35 5.06
N GLY A 21 -4.56 5.15 5.21
CA GLY A 21 -5.08 3.79 5.31
C GLY A 21 -4.74 2.96 4.10
N LEU A 22 -4.54 3.61 2.96
CA LEU A 22 -4.20 2.91 1.72
C LEU A 22 -2.77 2.40 1.75
N MET A 23 -1.84 3.27 2.11
CA MET A 23 -0.43 2.89 2.18
C MET A 23 -0.17 1.99 3.39
N VAL A 24 -0.60 2.45 4.57
CA VAL A 24 -0.41 1.68 5.79
C VAL A 24 -1.12 0.32 5.70
N GLY A 25 -2.36 0.33 5.24
CA GLY A 25 -3.12 -0.89 5.12
C GLY A 25 -2.52 -1.85 4.10
N GLY A 26 -2.16 -1.31 2.93
CA GLY A 26 -1.58 -2.14 1.89
C GLY A 26 -0.35 -2.89 2.36
N VAL A 27 0.50 -2.21 3.12
CA VAL A 27 1.72 -2.81 3.63
C VAL A 27 1.41 -3.86 4.70
N VAL A 28 0.56 -3.49 5.65
CA VAL A 28 0.17 -4.39 6.73
C VAL A 28 -0.50 -5.65 6.18
N ILE A 29 -1.59 -5.44 5.44
CA ILE A 29 -2.33 -6.56 4.85
C ILE A 29 -1.40 -7.49 4.08
N ALA A 30 -0.56 -6.91 3.22
CA ALA A 30 0.38 -7.68 2.42
C ALA A 30 1.20 -8.62 3.30
N THR A 31 1.84 -8.05 4.33
CA THR A 31 2.66 -8.83 5.23
C THR A 31 1.83 -9.92 5.93
N VAL A 32 0.63 -9.55 6.36
CA VAL A 32 -0.26 -10.49 7.04
C VAL A 32 -0.44 -11.76 6.21
N ILE A 33 -0.79 -11.59 4.95
CA ILE A 33 -1.00 -12.74 4.06
C ILE A 33 0.29 -13.56 3.92
N VAL A 34 1.40 -12.86 3.75
CA VAL A 34 2.69 -13.53 3.60
C VAL A 34 2.99 -14.43 4.78
N ILE A 35 2.87 -13.88 5.98
CA ILE A 35 3.12 -14.64 7.20
C ILE A 35 2.16 -15.83 7.32
N THR A 36 0.92 -15.62 6.89
CA THR A 36 -0.10 -16.67 6.95
C THR A 36 0.28 -17.84 6.05
N LEU A 37 0.79 -17.54 4.87
CA LEU A 37 1.20 -18.57 3.92
C LEU A 37 2.38 -19.36 4.45
N VAL A 38 3.39 -18.64 4.97
CA VAL A 38 4.58 -19.27 5.50
C VAL A 38 4.24 -20.14 6.71
N MET A 39 3.29 -19.69 7.52
CA MET A 39 2.88 -20.42 8.71
C MET A 39 2.14 -21.70 8.33
N LEU A 40 1.32 -21.61 7.27
CA LEU A 40 0.56 -22.76 6.80
C LEU A 40 1.43 -23.70 5.98
N LYS A 41 2.48 -23.15 5.38
CA LYS A 41 3.41 -23.94 4.57
C LYS A 41 4.44 -24.64 5.44
N LYS A 42 4.93 -23.92 6.45
CA LYS A 42 5.93 -24.47 7.36
C LYS A 42 5.31 -25.54 8.26
N LYS A 43 4.00 -25.44 8.48
CA LYS A 43 3.30 -26.41 9.32
C LYS A 43 3.50 -27.82 8.80
N GLY B 1 25.25 0.49 -9.88
CA GLY B 1 24.14 0.79 -8.98
C GLY B 1 24.13 -0.10 -7.76
N SER B 2 24.03 0.49 -6.59
CA SER B 2 24.01 -0.26 -5.34
C SER B 2 22.66 -0.11 -4.64
N GLN B 3 22.42 -0.98 -3.65
CA GLN B 3 21.17 -0.94 -2.91
C GLN B 3 21.13 0.27 -1.97
N LYS B 4 22.29 0.72 -1.53
CA LYS B 4 22.40 1.86 -0.64
C LYS B 4 21.66 3.07 -1.22
N LEU B 5 21.69 3.19 -2.55
CA LEU B 5 21.02 4.30 -3.22
C LEU B 5 19.52 4.25 -2.98
N VAL B 6 18.94 3.06 -3.06
CA VAL B 6 17.52 2.88 -2.85
C VAL B 6 17.10 3.34 -1.46
N PHE B 7 17.94 3.05 -0.47
CA PHE B 7 17.66 3.42 0.91
C PHE B 7 17.37 4.91 1.01
N PHE B 8 18.10 5.71 0.23
CA PHE B 8 17.92 7.16 0.23
C PHE B 8 16.46 7.53 -0.01
N ALA B 9 15.82 6.81 -0.93
CA ALA B 9 14.43 7.07 -1.25
C ALA B 9 13.53 6.84 -0.04
N GLU B 10 13.87 5.84 0.76
CA GLU B 10 13.10 5.52 1.96
C GLU B 10 13.44 6.47 3.10
N ASP B 11 14.68 6.92 3.13
CA ASP B 11 15.14 7.84 4.17
C ASP B 11 14.42 9.18 4.07
N VAL B 12 14.19 9.63 2.84
CA VAL B 12 13.50 10.90 2.61
C VAL B 12 12.01 10.68 2.41
N GLY B 13 11.66 10.00 1.33
CA GLY B 13 10.26 9.73 1.05
C GLY B 13 9.60 10.88 0.30
N SER B 14 10.36 11.55 -0.55
CA SER B 14 9.84 12.68 -1.32
C SER B 14 9.68 12.30 -2.79
N ASN B 15 10.51 11.36 -3.25
CA ASN B 15 10.47 10.91 -4.64
C ASN B 15 9.10 10.32 -4.96
N LYS B 16 8.46 10.86 -6.00
CA LYS B 16 7.14 10.38 -6.42
C LYS B 16 7.17 8.88 -6.69
N GLY B 17 8.24 8.42 -7.32
CA GLY B 17 8.38 7.00 -7.62
C GLY B 17 8.21 6.13 -6.39
N ALA B 18 8.70 6.62 -5.26
CA ALA B 18 8.59 5.87 -4.00
C ALA B 18 7.14 5.79 -3.52
N ILE B 19 6.50 6.95 -3.45
CA ILE B 19 5.10 7.02 -3.00
C ILE B 19 4.21 6.12 -3.86
N ILE B 20 4.20 6.37 -5.16
CA ILE B 20 3.40 5.59 -6.08
C ILE B 20 3.65 4.09 -5.90
N GLY B 21 4.92 3.70 -5.95
CA GLY B 21 5.27 2.31 -5.78
C GLY B 21 4.80 1.73 -4.46
N LEU B 22 4.67 2.61 -3.45
CA LEU B 22 4.22 2.19 -2.13
C LEU B 22 2.74 1.83 -2.14
N MET B 23 1.93 2.71 -2.74
CA MET B 23 0.49 2.48 -2.81
C MET B 23 0.16 1.44 -3.88
N VAL B 24 0.55 1.71 -5.12
CA VAL B 24 0.31 0.80 -6.23
C VAL B 24 0.94 -0.56 -5.96
N GLY B 25 2.19 -0.55 -5.52
CA GLY B 25 2.89 -1.79 -5.25
C GLY B 25 2.27 -2.57 -4.10
N GLY B 26 1.96 -1.87 -3.01
CA GLY B 26 1.36 -2.51 -1.86
C GLY B 26 0.09 -3.24 -2.20
N VAL B 27 -0.75 -2.63 -3.04
CA VAL B 27 -2.01 -3.23 -3.45
C VAL B 27 -1.77 -4.44 -4.36
N VAL B 28 -0.92 -4.25 -5.36
CA VAL B 28 -0.60 -5.32 -6.30
C VAL B 28 0.00 -6.51 -5.59
N ILE B 29 1.10 -6.29 -4.88
CA ILE B 29 1.79 -7.35 -4.15
C ILE B 29 0.81 -8.11 -3.26
N ALA B 30 0.02 -7.37 -2.48
CA ALA B 30 -0.95 -7.97 -1.58
C ALA B 30 -1.84 -8.96 -2.31
N THR B 31 -2.45 -8.50 -3.40
CA THR B 31 -3.33 -9.34 -4.21
C THR B 31 -2.58 -10.56 -4.75
N VAL B 32 -1.37 -10.33 -5.23
CA VAL B 32 -0.55 -11.41 -5.77
C VAL B 32 -0.44 -12.57 -4.79
N ILE B 33 -0.06 -12.26 -3.56
CA ILE B 33 0.08 -13.27 -2.52
C ILE B 33 -1.24 -13.98 -2.26
N VAL B 34 -2.32 -13.20 -2.17
CA VAL B 34 -3.64 -13.76 -1.93
C VAL B 34 -4.01 -14.80 -2.99
N ILE B 35 -3.86 -14.42 -4.25
CA ILE B 35 -4.18 -15.32 -5.35
C ILE B 35 -3.30 -16.57 -5.31
N THR B 36 -2.05 -16.39 -4.91
CA THR B 36 -1.11 -17.50 -4.82
C THR B 36 -1.56 -18.52 -3.78
N LEU B 37 -2.04 -18.03 -2.64
CA LEU B 37 -2.50 -18.89 -1.56
C LEU B 37 -3.75 -19.65 -1.97
N VAL B 38 -4.71 -18.95 -2.58
CA VAL B 38 -5.94 -19.55 -3.03
C VAL B 38 -5.68 -20.59 -4.11
N MET B 39 -4.72 -20.32 -4.98
CA MET B 39 -4.37 -21.24 -6.05
C MET B 39 -3.72 -22.51 -5.50
N LEU B 40 -2.89 -22.33 -4.47
CA LEU B 40 -2.20 -23.46 -3.85
C LEU B 40 -3.13 -24.22 -2.91
N LYS B 41 -4.13 -23.52 -2.39
CA LYS B 41 -5.09 -24.12 -1.48
C LYS B 41 -6.19 -24.85 -2.26
N LYS B 42 -6.64 -24.25 -3.34
CA LYS B 42 -7.68 -24.84 -4.17
C LYS B 42 -7.16 -26.06 -4.92
N LYS B 43 -5.85 -26.09 -5.16
CA LYS B 43 -5.22 -27.20 -5.86
C LYS B 43 -5.51 -28.52 -5.15
N GLY A 1 -0.90 15.33 -12.22
CA GLY A 1 -0.90 16.51 -11.36
C GLY A 1 -1.75 17.62 -11.92
N SER A 2 -3.03 17.66 -11.51
CA SER A 2 -3.95 18.69 -11.98
C SER A 2 -4.42 19.56 -10.82
N GLN A 3 -4.71 20.82 -11.13
CA GLN A 3 -5.17 21.76 -10.11
C GLN A 3 -6.46 21.27 -9.46
N LYS A 4 -7.28 20.57 -10.22
CA LYS A 4 -8.54 20.04 -9.72
C LYS A 4 -8.30 19.13 -8.51
N LEU A 5 -7.24 18.33 -8.58
CA LEU A 5 -6.89 17.42 -7.50
C LEU A 5 -6.81 18.16 -6.17
N VAL A 6 -6.00 19.22 -6.14
CA VAL A 6 -5.84 20.02 -4.94
C VAL A 6 -7.18 20.47 -4.39
N PHE A 7 -8.09 20.82 -5.29
CA PHE A 7 -9.41 21.28 -4.89
C PHE A 7 -10.23 20.14 -4.30
N PHE A 8 -10.03 18.94 -4.82
CA PHE A 8 -10.75 17.76 -4.34
C PHE A 8 -10.40 17.46 -2.89
N ALA A 9 -9.12 17.57 -2.55
CA ALA A 9 -8.65 17.32 -1.19
C ALA A 9 -9.35 18.22 -0.20
N GLU A 10 -9.58 19.47 -0.59
CA GLU A 10 -10.23 20.44 0.27
C GLU A 10 -11.74 20.18 0.33
N ASP A 11 -12.29 19.75 -0.79
CA ASP A 11 -13.73 19.45 -0.87
C ASP A 11 -14.13 18.45 0.20
N VAL A 12 -13.21 17.58 0.57
CA VAL A 12 -13.48 16.56 1.58
C VAL A 12 -12.92 16.98 2.94
N GLY A 13 -11.62 17.27 2.99
CA GLY A 13 -10.99 17.67 4.23
C GLY A 13 -10.37 16.51 4.97
N SER A 14 -11.08 15.39 5.03
CA SER A 14 -10.59 14.21 5.72
C SER A 14 -10.16 13.13 4.72
N ASN A 15 -9.88 13.55 3.49
CA ASN A 15 -9.46 12.63 2.44
C ASN A 15 -8.15 11.94 2.82
N LYS A 16 -7.35 12.62 3.65
CA LYS A 16 -6.07 12.07 4.08
C LYS A 16 -6.25 10.67 4.67
N GLY A 17 -7.34 10.47 5.40
CA GLY A 17 -7.60 9.17 6.00
C GLY A 17 -7.53 8.04 4.98
N ALA A 18 -8.00 8.31 3.77
CA ALA A 18 -8.00 7.31 2.71
C ALA A 18 -6.58 7.00 2.26
N ILE A 19 -5.80 8.05 2.00
CA ILE A 19 -4.42 7.89 1.56
C ILE A 19 -3.61 7.06 2.56
N ILE A 20 -3.56 7.53 3.80
CA ILE A 20 -2.83 6.84 4.85
C ILE A 20 -3.26 5.38 4.95
N GLY A 21 -4.57 5.16 5.04
CA GLY A 21 -5.09 3.81 5.13
C GLY A 21 -4.69 2.95 3.94
N LEU A 22 -4.44 3.60 2.80
CA LEU A 22 -4.06 2.88 1.59
C LEU A 22 -2.62 2.39 1.69
N MET A 23 -1.72 3.28 2.07
CA MET A 23 -0.31 2.92 2.21
C MET A 23 -0.09 2.03 3.43
N VAL A 24 -0.57 2.49 4.58
CA VAL A 24 -0.42 1.73 5.82
C VAL A 24 -1.12 0.39 5.74
N GLY A 25 -2.39 0.41 5.32
CA GLY A 25 -3.16 -0.82 5.20
C GLY A 25 -2.55 -1.77 4.19
N GLY A 26 -2.21 -1.25 3.01
CA GLY A 26 -1.63 -2.08 1.98
C GLY A 26 -0.41 -2.84 2.45
N VAL A 27 0.45 -2.16 3.21
CA VAL A 27 1.67 -2.77 3.73
C VAL A 27 1.34 -3.80 4.81
N VAL A 28 0.40 -3.47 5.68
CA VAL A 28 -0.01 -4.37 6.75
C VAL A 28 -0.66 -5.63 6.19
N ILE A 29 -1.73 -5.46 5.45
CA ILE A 29 -2.45 -6.59 4.86
C ILE A 29 -1.49 -7.50 4.08
N ALA A 30 -0.66 -6.89 3.23
CA ALA A 30 0.30 -7.64 2.44
C ALA A 30 1.13 -8.56 3.32
N THR A 31 1.73 -8.00 4.36
CA THR A 31 2.56 -8.76 5.28
C THR A 31 1.75 -9.85 5.97
N VAL A 32 0.54 -9.50 6.40
CA VAL A 32 -0.33 -10.44 7.08
C VAL A 32 -0.49 -11.73 6.27
N ILE A 33 -0.83 -11.58 5.00
CA ILE A 33 -1.01 -12.73 4.12
C ILE A 33 0.29 -13.53 3.98
N VAL A 34 1.39 -12.82 3.73
CA VAL A 34 2.69 -13.44 3.57
C VAL A 34 3.00 -14.35 4.76
N ILE A 35 2.94 -13.79 5.96
CA ILE A 35 3.21 -14.55 7.18
C ILE A 35 2.27 -15.74 7.31
N THR A 36 1.03 -15.55 6.87
CA THR A 36 0.02 -16.60 6.93
C THR A 36 0.40 -17.79 6.06
N LEU A 37 0.90 -17.49 4.86
CA LEU A 37 1.32 -18.53 3.93
C LEU A 37 2.52 -19.31 4.45
N VAL A 38 3.55 -18.57 4.86
CA VAL A 38 4.76 -19.18 5.39
C VAL A 38 4.45 -20.05 6.61
N MET A 39 3.61 -19.54 7.49
CA MET A 39 3.23 -20.27 8.69
C MET A 39 2.45 -21.54 8.34
N LEU A 40 1.57 -21.42 7.35
CA LEU A 40 0.77 -22.56 6.92
C LEU A 40 1.65 -23.70 6.41
N LYS A 41 2.75 -23.34 5.75
CA LYS A 41 3.69 -24.32 5.23
C LYS A 41 4.66 -24.78 6.30
N LYS A 42 4.95 -23.90 7.25
CA LYS A 42 5.86 -24.21 8.34
C LYS A 42 5.30 -25.31 9.23
N LYS A 43 4.06 -25.11 9.68
CA LYS A 43 3.39 -26.09 10.54
C LYS A 43 2.98 -27.33 9.75
N GLY B 1 -0.46 19.32 6.53
CA GLY B 1 -0.05 20.16 5.41
C GLY B 1 0.87 21.29 5.83
N SER B 2 2.17 21.05 5.74
CA SER B 2 3.16 22.04 6.13
C SER B 2 4.01 22.45 4.92
N GLN B 3 4.46 23.70 4.92
CA GLN B 3 5.28 24.21 3.83
C GLN B 3 6.55 23.39 3.67
N LYS B 4 7.07 22.87 4.78
CA LYS B 4 8.28 22.06 4.76
C LYS B 4 8.11 20.86 3.85
N LEU B 5 6.94 20.25 3.89
CA LEU B 5 6.65 19.08 3.06
C LEU B 5 6.94 19.37 1.59
N VAL B 6 6.36 20.45 1.08
CA VAL B 6 6.57 20.84 -0.31
C VAL B 6 8.05 20.95 -0.64
N PHE B 7 8.83 21.45 0.32
CA PHE B 7 10.26 21.61 0.13
C PHE B 7 10.97 20.26 0.08
N PHE B 8 10.45 19.31 0.86
CA PHE B 8 11.03 17.97 0.90
C PHE B 8 10.89 17.27 -0.45
N ALA B 9 9.72 17.41 -1.07
CA ALA B 9 9.46 16.79 -2.36
C ALA B 9 10.47 17.27 -3.40
N GLU B 10 10.82 18.55 -3.33
CA GLU B 10 11.76 19.13 -4.27
C GLU B 10 13.19 18.69 -3.95
N ASP B 11 13.47 18.53 -2.66
CA ASP B 11 14.81 18.10 -2.23
C ASP B 11 15.21 16.80 -2.89
N VAL B 12 14.22 15.97 -3.20
CA VAL B 12 14.47 14.67 -3.84
C VAL B 12 14.18 14.75 -5.34
N GLY B 13 12.95 15.13 -5.68
CA GLY B 13 12.57 15.23 -7.08
C GLY B 13 11.91 13.97 -7.59
N SER B 14 12.49 12.81 -7.25
CA SER B 14 11.94 11.54 -7.68
C SER B 14 11.31 10.79 -6.51
N ASN B 15 10.91 11.54 -5.49
CA ASN B 15 10.28 10.95 -4.30
C ASN B 15 8.96 10.28 -4.67
N LYS B 16 8.32 10.79 -5.71
CA LYS B 16 7.05 10.24 -6.17
C LYS B 16 7.15 8.74 -6.41
N GLY B 17 8.28 8.32 -6.98
CA GLY B 17 8.49 6.91 -7.27
C GLY B 17 8.27 6.04 -6.05
N ALA B 18 8.71 6.52 -4.89
CA ALA B 18 8.56 5.78 -3.64
C ALA B 18 7.08 5.71 -3.21
N ILE B 19 6.43 6.87 -3.19
CA ILE B 19 5.03 6.94 -2.80
C ILE B 19 4.16 6.05 -3.69
N ILE B 20 4.20 6.32 -5.00
CA ILE B 20 3.42 5.54 -5.95
C ILE B 20 3.66 4.05 -5.77
N GLY B 21 4.93 3.66 -5.75
CA GLY B 21 5.28 2.26 -5.58
C GLY B 21 4.75 1.68 -4.28
N LEU B 22 4.58 2.54 -3.28
CA LEU B 22 4.08 2.11 -1.98
C LEU B 22 2.60 1.76 -2.06
N MET B 23 1.82 2.65 -2.68
CA MET B 23 0.39 2.44 -2.83
C MET B 23 0.10 1.39 -3.90
N VAL B 24 0.55 1.66 -5.11
CA VAL B 24 0.33 0.75 -6.23
C VAL B 24 0.96 -0.61 -5.95
N GLY B 25 2.23 -0.60 -5.53
CA GLY B 25 2.92 -1.84 -5.24
C GLY B 25 2.26 -2.61 -4.11
N GLY B 26 1.97 -1.92 -3.02
CA GLY B 26 1.34 -2.57 -1.88
C GLY B 26 0.08 -3.30 -2.25
N VAL B 27 -0.74 -2.69 -3.10
CA VAL B 27 -1.98 -3.31 -3.55
C VAL B 27 -1.72 -4.50 -4.45
N VAL B 28 -0.75 -4.36 -5.35
CA VAL B 28 -0.40 -5.42 -6.28
C VAL B 28 0.16 -6.63 -5.54
N ILE B 29 1.25 -6.41 -4.81
CA ILE B 29 1.88 -7.48 -4.05
C ILE B 29 0.87 -8.22 -3.17
N ALA B 30 0.08 -7.45 -2.44
CA ALA B 30 -0.94 -8.03 -1.56
C ALA B 30 -1.82 -9.02 -2.32
N THR B 31 -2.37 -8.57 -3.44
CA THR B 31 -3.23 -9.41 -4.26
C THR B 31 -2.48 -10.63 -4.78
N VAL B 32 -1.25 -10.40 -5.24
CA VAL B 32 -0.42 -11.49 -5.76
C VAL B 32 -0.35 -12.65 -4.78
N ILE B 33 -0.01 -12.35 -3.53
CA ILE B 33 0.09 -13.38 -2.51
C ILE B 33 -1.25 -14.06 -2.27
N VAL B 34 -2.30 -13.26 -2.13
CA VAL B 34 -3.64 -13.80 -1.91
C VAL B 34 -4.01 -14.82 -2.98
N ILE B 35 -3.90 -14.41 -4.24
CA ILE B 35 -4.22 -15.30 -5.36
C ILE B 35 -3.36 -16.56 -5.33
N THR B 36 -2.12 -16.40 -4.88
CA THR B 36 -1.19 -17.52 -4.80
C THR B 36 -1.67 -18.57 -3.80
N LEU B 37 -2.17 -18.09 -2.65
CA LEU B 37 -2.66 -18.99 -1.61
C LEU B 37 -3.92 -19.71 -2.06
N VAL B 38 -4.88 -18.95 -2.57
CA VAL B 38 -6.14 -19.53 -3.05
C VAL B 38 -5.89 -20.55 -4.15
N MET B 39 -5.01 -20.21 -5.07
CA MET B 39 -4.68 -21.10 -6.18
C MET B 39 -4.01 -22.37 -5.68
N LEU B 40 -3.13 -22.22 -4.69
CA LEU B 40 -2.43 -23.36 -4.11
C LEU B 40 -3.41 -24.36 -3.50
N LYS B 41 -4.47 -23.84 -2.90
CA LYS B 41 -5.49 -24.68 -2.28
C LYS B 41 -6.49 -25.18 -3.31
N LYS B 42 -6.70 -24.38 -4.35
CA LYS B 42 -7.63 -24.74 -5.42
C LYS B 42 -7.15 -25.98 -6.18
N LYS B 43 -5.91 -25.93 -6.63
CA LYS B 43 -5.31 -27.04 -7.37
C LYS B 43 -5.02 -28.20 -6.44
N GLY A 1 -23.38 3.42 7.00
CA GLY A 1 -22.85 4.72 6.62
C GLY A 1 -21.38 4.86 6.95
N SER A 2 -20.53 4.24 6.15
CA SER A 2 -19.09 4.30 6.36
C SER A 2 -18.33 4.16 5.04
N GLN A 3 -18.77 3.22 4.22
CA GLN A 3 -18.13 2.98 2.93
C GLN A 3 -18.17 4.23 2.06
N LYS A 4 -19.29 4.95 2.12
CA LYS A 4 -19.46 6.17 1.35
C LYS A 4 -18.56 7.28 1.87
N LEU A 5 -18.36 7.29 3.19
CA LEU A 5 -17.52 8.30 3.82
C LEU A 5 -16.09 8.23 3.30
N VAL A 6 -15.52 7.04 3.33
CA VAL A 6 -14.15 6.83 2.85
C VAL A 6 -14.08 6.90 1.33
N PHE A 7 -15.17 6.50 0.68
CA PHE A 7 -15.23 6.52 -0.78
C PHE A 7 -14.98 7.93 -1.32
N PHE A 8 -15.32 8.93 -0.51
CA PHE A 8 -15.13 10.31 -0.90
C PHE A 8 -13.66 10.70 -0.90
N ALA A 9 -12.99 10.43 0.22
CA ALA A 9 -11.58 10.73 0.35
C ALA A 9 -10.77 10.11 -0.78
N GLU A 10 -11.15 8.90 -1.17
CA GLU A 10 -10.45 8.19 -2.24
C GLU A 10 -10.84 8.75 -3.60
N ASP A 11 -12.05 9.31 -3.69
CA ASP A 11 -12.54 9.88 -4.94
C ASP A 11 -11.84 11.20 -5.24
N VAL A 12 -11.88 12.12 -4.28
CA VAL A 12 -11.24 13.43 -4.44
C VAL A 12 -9.72 13.31 -4.36
N GLY A 13 -9.25 12.32 -3.61
CA GLY A 13 -7.82 12.12 -3.47
C GLY A 13 -7.12 13.35 -2.93
N SER A 14 -7.69 13.97 -1.90
CA SER A 14 -7.12 15.17 -1.30
C SER A 14 -6.66 14.90 0.12
N ASN A 15 -7.57 14.42 0.96
CA ASN A 15 -7.26 14.13 2.35
C ASN A 15 -6.04 13.22 2.45
N LYS A 16 -5.13 13.56 3.35
CA LYS A 16 -3.92 12.77 3.55
C LYS A 16 -4.23 11.42 4.18
N GLY A 17 -5.28 11.39 5.01
CA GLY A 17 -5.67 10.16 5.65
C GLY A 17 -5.87 9.03 4.67
N ALA A 18 -6.52 9.31 3.55
CA ALA A 18 -6.77 8.30 2.52
C ALA A 18 -5.46 7.76 1.96
N ILE A 19 -4.57 8.66 1.59
CA ILE A 19 -3.28 8.27 1.04
C ILE A 19 -2.53 7.36 1.99
N ILE A 20 -2.28 7.84 3.20
CA ILE A 20 -1.57 7.06 4.22
C ILE A 20 -2.27 5.73 4.48
N GLY A 21 -3.57 5.79 4.76
CA GLY A 21 -4.34 4.59 5.01
C GLY A 21 -4.22 3.58 3.90
N LEU A 22 -4.00 4.06 2.68
CA LEU A 22 -3.87 3.18 1.52
C LEU A 22 -2.52 2.46 1.54
N MET A 23 -1.45 3.24 1.62
CA MET A 23 -0.10 2.67 1.66
C MET A 23 0.09 1.77 2.87
N VAL A 24 -0.44 2.21 4.01
CA VAL A 24 -0.34 1.44 5.24
C VAL A 24 -1.12 0.14 5.15
N GLY A 25 -2.38 0.23 4.77
CA GLY A 25 -3.21 -0.95 4.65
C GLY A 25 -2.63 -1.98 3.69
N GLY A 26 -2.14 -1.50 2.55
CA GLY A 26 -1.57 -2.40 1.56
C GLY A 26 -0.36 -3.14 2.10
N VAL A 27 0.53 -2.41 2.77
CA VAL A 27 1.74 -3.00 3.33
C VAL A 27 1.40 -3.98 4.46
N VAL A 28 0.49 -3.57 5.33
CA VAL A 28 0.08 -4.40 6.45
C VAL A 28 -0.59 -5.69 5.96
N ILE A 29 -1.69 -5.53 5.24
CA ILE A 29 -2.43 -6.67 4.72
C ILE A 29 -1.50 -7.62 3.94
N ALA A 30 -0.67 -7.04 3.09
CA ALA A 30 0.27 -7.83 2.29
C ALA A 30 1.09 -8.76 3.17
N THR A 31 1.77 -8.19 4.17
CA THR A 31 2.58 -8.97 5.09
C THR A 31 1.74 -10.01 5.83
N VAL A 32 0.56 -9.61 6.27
CA VAL A 32 -0.34 -10.51 6.99
C VAL A 32 -0.55 -11.81 6.20
N ILE A 33 -0.91 -11.67 4.94
CA ILE A 33 -1.15 -12.84 4.08
C ILE A 33 0.12 -13.66 3.92
N VAL A 34 1.25 -12.99 3.77
CA VAL A 34 2.54 -13.67 3.61
C VAL A 34 2.84 -14.56 4.81
N ILE A 35 2.77 -13.99 6.00
CA ILE A 35 3.02 -14.74 7.23
C ILE A 35 2.08 -15.94 7.35
N THR A 36 0.83 -15.74 6.94
CA THR A 36 -0.18 -16.79 7.01
C THR A 36 0.21 -17.96 6.11
N LEU A 37 0.59 -17.65 4.88
CA LEU A 37 0.99 -18.69 3.93
C LEU A 37 2.16 -19.51 4.45
N VAL A 38 3.20 -18.82 4.90
CA VAL A 38 4.38 -19.48 5.44
C VAL A 38 4.02 -20.37 6.63
N MET A 39 3.21 -19.83 7.54
CA MET A 39 2.79 -20.57 8.72
C MET A 39 2.17 -21.91 8.33
N LEU A 40 1.32 -21.89 7.32
CA LEU A 40 0.66 -23.11 6.84
C LEU A 40 1.68 -24.13 6.36
N LYS A 41 2.75 -23.65 5.74
CA LYS A 41 3.81 -24.51 5.24
C LYS A 41 4.73 -24.97 6.37
N LYS A 42 4.82 -24.15 7.41
CA LYS A 42 5.66 -24.47 8.57
C LYS A 42 5.45 -23.45 9.69
N LYS A 43 5.34 -23.95 10.92
CA LYS A 43 5.14 -23.09 12.08
C LYS A 43 3.82 -22.33 11.97
N GLY B 1 23.40 -0.04 -6.10
CA GLY B 1 23.01 1.35 -5.97
C GLY B 1 21.57 1.60 -6.41
N SER B 2 20.63 1.21 -5.57
CA SER B 2 19.21 1.37 -5.88
C SER B 2 18.39 1.54 -4.61
N GLN B 3 18.68 0.71 -3.61
CA GLN B 3 17.97 0.77 -2.34
C GLN B 3 18.11 2.13 -1.69
N LYS B 4 19.31 2.71 -1.80
CA LYS B 4 19.58 4.03 -1.22
C LYS B 4 18.83 5.12 -1.98
N LEU B 5 18.69 4.93 -3.29
CA LEU B 5 18.00 5.90 -4.12
C LEU B 5 16.55 6.06 -3.68
N VAL B 6 15.84 4.94 -3.56
CA VAL B 6 14.45 4.96 -3.14
C VAL B 6 14.32 5.30 -1.66
N PHE B 7 15.32 4.89 -0.88
CA PHE B 7 15.33 5.15 0.56
C PHE B 7 15.21 6.64 0.84
N PHE B 8 15.69 7.46 -0.09
CA PHE B 8 15.64 8.90 0.06
C PHE B 8 14.22 9.43 -0.10
N ALA B 9 13.57 9.04 -1.20
CA ALA B 9 12.20 9.46 -1.47
C ALA B 9 11.28 9.11 -0.30
N GLU B 10 11.51 7.95 0.29
CA GLU B 10 10.69 7.50 1.42
C GLU B 10 11.09 8.23 2.70
N ASP B 11 12.34 8.68 2.77
CA ASP B 11 12.83 9.39 3.94
C ASP B 11 12.26 10.81 3.99
N VAL B 12 12.43 11.55 2.90
CA VAL B 12 11.93 12.92 2.82
C VAL B 12 10.41 12.94 2.67
N GLY B 13 9.88 11.90 2.05
CA GLY B 13 8.44 11.81 1.85
C GLY B 13 7.89 13.01 1.10
N SER B 14 8.58 13.41 0.04
CA SER B 14 8.15 14.56 -0.77
C SER B 14 7.73 14.12 -2.17
N ASN B 15 8.64 13.45 -2.86
CA ASN B 15 8.35 12.97 -4.22
C ASN B 15 7.06 12.17 -4.25
N LYS B 16 6.22 12.46 -5.25
CA LYS B 16 4.94 11.76 -5.40
C LYS B 16 5.16 10.31 -5.82
N GLY B 17 6.22 10.08 -6.58
CA GLY B 17 6.53 8.73 -7.04
C GLY B 17 6.59 7.73 -5.90
N ALA B 18 7.24 8.11 -4.81
CA ALA B 18 7.38 7.25 -3.65
C ALA B 18 6.01 6.90 -3.07
N ILE B 19 5.18 7.92 -2.87
CA ILE B 19 3.84 7.73 -2.31
C ILE B 19 3.04 6.75 -3.16
N ILE B 20 2.87 7.09 -4.43
CA ILE B 20 2.12 6.24 -5.35
C ILE B 20 2.71 4.83 -5.41
N GLY B 21 4.02 4.75 -5.66
CA GLY B 21 4.69 3.47 -5.73
C GLY B 21 4.46 2.62 -4.49
N LEU B 22 4.25 3.29 -3.36
CA LEU B 22 4.03 2.59 -2.09
C LEU B 22 2.63 1.98 -2.05
N MET B 23 1.63 2.83 -2.28
CA MET B 23 0.24 2.38 -2.26
C MET B 23 -0.01 1.34 -3.36
N VAL B 24 0.58 1.57 -4.53
CA VAL B 24 0.43 0.65 -5.65
C VAL B 24 1.09 -0.69 -5.36
N GLY B 25 2.36 -0.65 -4.97
CA GLY B 25 3.08 -1.87 -4.67
C GLY B 25 2.41 -2.69 -3.59
N GLY B 26 1.95 -2.02 -2.54
CA GLY B 26 1.28 -2.72 -1.45
C GLY B 26 0.02 -3.44 -1.91
N VAL B 27 -0.79 -2.75 -2.70
CA VAL B 27 -2.03 -3.32 -3.20
C VAL B 27 -1.76 -4.47 -4.17
N VAL B 28 -0.81 -4.24 -5.08
CA VAL B 28 -0.46 -5.26 -6.06
C VAL B 28 0.11 -6.51 -5.38
N ILE B 29 1.21 -6.34 -4.67
CA ILE B 29 1.85 -7.45 -3.98
C ILE B 29 0.85 -8.20 -3.10
N ALA B 30 0.06 -7.44 -2.35
CA ALA B 30 -0.95 -8.03 -1.47
C ALA B 30 -1.83 -9.02 -2.23
N THR B 31 -2.44 -8.54 -3.31
CA THR B 31 -3.32 -9.37 -4.12
C THR B 31 -2.58 -10.58 -4.69
N VAL B 32 -1.35 -10.34 -5.16
CA VAL B 32 -0.52 -11.39 -5.73
C VAL B 32 -0.42 -12.58 -4.76
N ILE B 33 -0.06 -12.29 -3.53
CA ILE B 33 0.08 -13.33 -2.51
C ILE B 33 -1.25 -14.04 -2.26
N VAL B 34 -2.33 -13.26 -2.22
CA VAL B 34 -3.66 -13.81 -2.00
C VAL B 34 -4.02 -14.84 -3.06
N ILE B 35 -3.89 -14.45 -4.33
CA ILE B 35 -4.20 -15.34 -5.43
C ILE B 35 -3.36 -16.61 -5.38
N THR B 36 -2.09 -16.45 -4.97
CA THR B 36 -1.17 -17.58 -4.87
C THR B 36 -1.66 -18.59 -3.83
N LEU B 37 -2.05 -18.09 -2.67
CA LEU B 37 -2.54 -18.95 -1.59
C LEU B 37 -3.76 -19.73 -2.03
N VAL B 38 -4.72 -19.03 -2.65
CA VAL B 38 -5.94 -19.66 -3.13
C VAL B 38 -5.64 -20.81 -4.08
N MET B 39 -4.65 -20.60 -4.95
CA MET B 39 -4.27 -21.63 -5.91
C MET B 39 -3.50 -22.75 -5.23
N LEU B 40 -2.57 -22.38 -4.36
CA LEU B 40 -1.77 -23.36 -3.64
C LEU B 40 -2.64 -24.26 -2.79
N LYS B 41 -3.71 -23.70 -2.22
CA LYS B 41 -4.63 -24.46 -1.40
C LYS B 41 -5.59 -25.29 -2.26
N LYS B 42 -5.84 -24.81 -3.47
CA LYS B 42 -6.74 -25.50 -4.38
C LYS B 42 -6.72 -24.83 -5.76
N LYS B 43 -6.64 -25.65 -6.81
CA LYS B 43 -6.63 -25.14 -8.17
C LYS B 43 -5.39 -24.30 -8.42
N GLY A 1 -9.50 6.41 9.96
CA GLY A 1 -8.63 7.44 10.47
C GLY A 1 -9.25 8.24 11.59
N SER A 2 -9.31 9.56 11.44
CA SER A 2 -9.88 10.44 12.45
C SER A 2 -10.82 11.46 11.81
N GLN A 3 -11.64 12.09 12.64
CA GLN A 3 -12.58 13.10 12.16
C GLN A 3 -11.84 14.30 11.59
N LYS A 4 -10.72 14.66 12.20
CA LYS A 4 -9.93 15.80 11.76
C LYS A 4 -9.21 15.48 10.44
N LEU A 5 -8.86 14.21 10.26
CA LEU A 5 -8.18 13.78 9.04
C LEU A 5 -9.06 14.00 7.82
N VAL A 6 -10.28 13.48 7.87
CA VAL A 6 -11.22 13.61 6.77
C VAL A 6 -11.56 15.08 6.53
N PHE A 7 -11.58 15.87 7.59
CA PHE A 7 -11.89 17.28 7.49
C PHE A 7 -10.93 17.99 6.54
N PHE A 8 -9.67 17.62 6.61
CA PHE A 8 -8.64 18.21 5.75
C PHE A 8 -8.74 17.68 4.34
N ALA A 9 -9.20 16.44 4.21
CA ALA A 9 -9.34 15.80 2.90
C ALA A 9 -10.13 16.68 1.95
N GLU A 10 -11.10 17.42 2.49
CA GLU A 10 -11.92 18.30 1.68
C GLU A 10 -11.23 19.64 1.45
N ASP A 11 -10.55 20.14 2.48
CA ASP A 11 -9.84 21.41 2.39
C ASP A 11 -8.93 21.43 1.16
N VAL A 12 -8.10 20.40 1.03
CA VAL A 12 -7.18 20.31 -0.10
C VAL A 12 -7.80 19.51 -1.24
N GLY A 13 -8.60 18.50 -0.90
CA GLY A 13 -9.23 17.68 -1.91
C GLY A 13 -8.42 16.45 -2.25
N SER A 14 -7.09 16.58 -2.23
CA SER A 14 -6.20 15.48 -2.55
C SER A 14 -6.42 14.31 -1.59
N ASN A 15 -6.99 14.62 -0.42
CA ASN A 15 -7.25 13.59 0.58
C ASN A 15 -5.96 12.96 1.08
N LYS A 16 -5.56 13.32 2.29
CA LYS A 16 -4.34 12.78 2.89
C LYS A 16 -4.61 11.47 3.59
N GLY A 17 -5.77 11.37 4.25
CA GLY A 17 -6.12 10.15 4.96
C GLY A 17 -6.32 8.98 4.02
N ALA A 18 -6.84 9.26 2.83
CA ALA A 18 -7.10 8.22 1.83
C ALA A 18 -5.79 7.62 1.32
N ILE A 19 -4.90 8.48 0.85
CA ILE A 19 -3.60 8.04 0.34
C ILE A 19 -2.85 7.23 1.38
N ILE A 20 -2.64 7.83 2.55
CA ILE A 20 -1.93 7.17 3.64
C ILE A 20 -2.62 5.86 4.02
N GLY A 21 -3.91 5.94 4.29
CA GLY A 21 -4.67 4.76 4.68
C GLY A 21 -4.52 3.63 3.67
N LEU A 22 -4.31 3.99 2.42
CA LEU A 22 -4.16 2.99 1.36
C LEU A 22 -2.80 2.31 1.45
N MET A 23 -1.74 3.11 1.45
CA MET A 23 -0.38 2.58 1.53
C MET A 23 -0.18 1.82 2.84
N VAL A 24 -0.72 2.36 3.92
CA VAL A 24 -0.60 1.72 5.23
C VAL A 24 -1.31 0.38 5.26
N GLY A 25 -2.59 0.39 4.86
CA GLY A 25 -3.36 -0.84 4.85
C GLY A 25 -2.76 -1.90 3.96
N GLY A 26 -2.37 -1.51 2.75
CA GLY A 26 -1.78 -2.45 1.82
C GLY A 26 -0.56 -3.15 2.40
N VAL A 27 0.33 -2.38 3.02
CA VAL A 27 1.54 -2.94 3.60
C VAL A 27 1.20 -3.88 4.75
N VAL A 28 0.15 -3.54 5.50
CA VAL A 28 -0.27 -4.37 6.62
C VAL A 28 -0.86 -5.69 6.15
N ILE A 29 -1.87 -5.61 5.30
CA ILE A 29 -2.51 -6.81 4.77
C ILE A 29 -1.50 -7.73 4.09
N ALA A 30 -0.66 -7.16 3.24
CA ALA A 30 0.35 -7.92 2.53
C ALA A 30 1.23 -8.70 3.50
N THR A 31 1.88 -7.98 4.41
CA THR A 31 2.75 -8.60 5.40
C THR A 31 2.04 -9.73 6.13
N VAL A 32 0.86 -9.42 6.67
CA VAL A 32 0.07 -10.42 7.40
C VAL A 32 -0.11 -11.68 6.57
N ILE A 33 -0.57 -11.51 5.34
CA ILE A 33 -0.80 -12.64 4.44
C ILE A 33 0.48 -13.44 4.25
N VAL A 34 1.58 -12.74 3.98
CA VAL A 34 2.87 -13.39 3.78
C VAL A 34 3.20 -14.34 4.92
N ILE A 35 3.17 -13.82 6.14
CA ILE A 35 3.47 -14.62 7.33
C ILE A 35 2.52 -15.80 7.43
N THR A 36 1.26 -15.58 7.05
CA THR A 36 0.24 -16.62 7.10
C THR A 36 0.59 -17.77 6.17
N LEU A 37 1.07 -17.44 4.98
CA LEU A 37 1.44 -18.45 3.99
C LEU A 37 2.66 -19.24 4.45
N VAL A 38 3.63 -18.53 5.01
CA VAL A 38 4.86 -19.16 5.49
C VAL A 38 4.55 -20.25 6.51
N MET A 39 3.79 -19.88 7.54
CA MET A 39 3.42 -20.82 8.59
C MET A 39 2.58 -21.97 8.03
N LEU A 40 1.75 -21.65 7.05
CA LEU A 40 0.89 -22.65 6.42
C LEU A 40 1.73 -23.74 5.76
N LYS A 41 2.83 -23.35 5.13
CA LYS A 41 3.71 -24.29 4.46
C LYS A 41 4.66 -24.96 5.46
N LYS A 42 4.99 -24.24 6.53
CA LYS A 42 5.87 -24.75 7.56
C LYS A 42 5.09 -25.42 8.68
N LYS A 43 5.05 -26.75 8.67
CA LYS A 43 4.34 -27.51 9.69
C LYS A 43 2.86 -27.14 9.68
N GLY B 1 18.43 4.49 0.50
CA GLY B 1 17.33 4.41 -0.43
C GLY B 1 17.79 4.31 -1.87
N SER B 2 17.32 5.24 -2.71
CA SER B 2 17.68 5.25 -4.12
C SER B 2 18.05 6.66 -4.57
N GLN B 3 18.70 6.76 -5.73
CA GLN B 3 19.11 8.05 -6.27
C GLN B 3 17.90 8.91 -6.62
N LYS B 4 16.84 8.25 -7.11
CA LYS B 4 15.61 8.96 -7.47
C LYS B 4 14.85 9.41 -6.24
N LEU B 5 14.96 8.63 -5.16
CA LEU B 5 14.28 8.95 -3.92
C LEU B 5 14.80 10.26 -3.33
N VAL B 6 16.12 10.35 -3.20
CA VAL B 6 16.75 11.55 -2.65
C VAL B 6 16.48 12.76 -3.53
N PHE B 7 16.37 12.53 -4.84
CA PHE B 7 16.11 13.60 -5.79
C PHE B 7 14.81 14.33 -5.45
N PHE B 8 13.79 13.55 -5.07
CA PHE B 8 12.49 14.11 -4.73
C PHE B 8 12.50 14.65 -3.29
N ALA B 9 13.29 14.02 -2.44
CA ALA B 9 13.40 14.44 -1.05
C ALA B 9 13.80 15.90 -0.94
N GLU B 10 14.44 16.42 -1.98
CA GLU B 10 14.88 17.81 -2.00
C GLU B 10 13.93 18.67 -2.83
N ASP B 11 13.58 18.18 -4.01
CA ASP B 11 12.67 18.91 -4.89
C ASP B 11 11.40 19.33 -4.15
N VAL B 12 10.61 18.35 -3.76
CA VAL B 12 9.36 18.61 -3.04
C VAL B 12 9.47 18.19 -1.58
N GLY B 13 10.17 17.08 -1.34
CA GLY B 13 10.32 16.59 0.01
C GLY B 13 9.25 15.60 0.41
N SER B 14 8.01 15.89 0.01
CA SER B 14 6.88 15.03 0.34
C SER B 14 7.06 13.65 -0.28
N ASN B 15 7.88 13.57 -1.32
CA ASN B 15 8.14 12.30 -2.00
C ASN B 15 6.86 11.75 -2.63
N LYS B 16 6.76 11.87 -3.94
CA LYS B 16 5.59 11.38 -4.67
C LYS B 16 5.78 9.93 -5.09
N GLY B 17 6.99 9.59 -5.51
CA GLY B 17 7.28 8.24 -5.92
C GLY B 17 7.22 7.25 -4.77
N ALA B 18 7.62 7.70 -3.58
CA ALA B 18 7.61 6.84 -2.41
C ALA B 18 6.18 6.51 -1.99
N ILE B 19 5.36 7.54 -1.79
CA ILE B 19 3.98 7.36 -1.39
C ILE B 19 3.23 6.48 -2.39
N ILE B 20 3.22 6.91 -3.65
CA ILE B 20 2.54 6.17 -4.70
C ILE B 20 3.12 4.77 -4.84
N GLY B 21 4.45 4.69 -5.00
CA GLY B 21 5.10 3.41 -5.15
C GLY B 21 4.76 2.45 -4.01
N LEU B 22 4.48 3.00 -2.84
CA LEU B 22 4.14 2.19 -1.68
C LEU B 22 2.73 1.62 -1.81
N MET B 23 1.76 2.50 -2.01
CA MET B 23 0.37 2.10 -2.14
C MET B 23 0.19 1.17 -3.35
N VAL B 24 0.86 1.51 -4.46
CA VAL B 24 0.77 0.71 -5.67
C VAL B 24 1.37 -0.68 -5.45
N GLY B 25 2.60 -0.72 -4.98
CA GLY B 25 3.27 -2.00 -4.73
C GLY B 25 2.51 -2.86 -3.75
N GLY B 26 2.08 -2.26 -2.64
CA GLY B 26 1.35 -3.00 -1.64
C GLY B 26 0.11 -3.68 -2.20
N VAL B 27 -0.66 -2.94 -2.98
CA VAL B 27 -1.88 -3.48 -3.58
C VAL B 27 -1.55 -4.60 -4.57
N VAL B 28 -0.44 -4.44 -5.29
CA VAL B 28 -0.01 -5.44 -6.26
C VAL B 28 0.45 -6.71 -5.58
N ILE B 29 1.44 -6.59 -4.70
CA ILE B 29 1.97 -7.74 -3.97
C ILE B 29 0.86 -8.47 -3.22
N ALA B 30 0.05 -7.71 -2.49
CA ALA B 30 -1.05 -8.29 -1.72
C ALA B 30 -1.95 -9.14 -2.61
N THR B 31 -2.51 -8.52 -3.65
CA THR B 31 -3.40 -9.22 -4.56
C THR B 31 -2.75 -10.50 -5.09
N VAL B 32 -1.53 -10.36 -5.63
CA VAL B 32 -0.80 -11.50 -6.16
C VAL B 32 -0.75 -12.64 -5.15
N ILE B 33 -0.30 -12.33 -3.93
CA ILE B 33 -0.20 -13.32 -2.88
C ILE B 33 -1.55 -13.99 -2.61
N VAL B 34 -2.60 -13.18 -2.51
CA VAL B 34 -3.94 -13.69 -2.27
C VAL B 34 -4.29 -14.79 -3.26
N ILE B 35 -4.22 -14.46 -4.55
CA ILE B 35 -4.54 -15.42 -5.61
C ILE B 35 -3.65 -16.65 -5.51
N THR B 36 -2.40 -16.45 -5.12
CA THR B 36 -1.46 -17.55 -4.98
C THR B 36 -1.89 -18.52 -3.88
N LEU B 37 -2.38 -17.98 -2.77
CA LEU B 37 -2.83 -18.80 -1.65
C LEU B 37 -4.09 -19.58 -2.03
N VAL B 38 -5.00 -18.91 -2.72
CA VAL B 38 -6.25 -19.53 -3.13
C VAL B 38 -5.99 -20.77 -3.97
N MET B 39 -5.18 -20.61 -5.02
CA MET B 39 -4.85 -21.73 -5.90
C MET B 39 -4.09 -22.82 -5.14
N LEU B 40 -3.29 -22.41 -4.18
CA LEU B 40 -2.50 -23.34 -3.38
C LEU B 40 -3.41 -24.28 -2.60
N LYS B 41 -4.51 -23.73 -2.08
CA LYS B 41 -5.46 -24.52 -1.31
C LYS B 41 -6.41 -25.29 -2.24
N LYS B 42 -6.67 -24.71 -3.41
CA LYS B 42 -7.55 -25.34 -4.39
C LYS B 42 -6.77 -26.22 -5.36
N LYS B 43 -6.82 -27.53 -5.13
CA LYS B 43 -6.11 -28.48 -5.99
C LYS B 43 -4.61 -28.19 -5.99
N GLY A 1 -14.56 17.72 -15.31
CA GLY A 1 -14.23 17.37 -13.95
C GLY A 1 -14.47 18.52 -12.98
N SER A 2 -14.62 18.20 -11.70
CA SER A 2 -14.85 19.21 -10.68
C SER A 2 -13.56 19.52 -9.92
N GLN A 3 -12.73 20.36 -10.49
CA GLN A 3 -11.46 20.73 -9.88
C GLN A 3 -11.71 21.49 -8.57
N LYS A 4 -12.83 22.18 -8.49
CA LYS A 4 -13.18 22.94 -7.29
C LYS A 4 -13.50 22.01 -6.13
N LEU A 5 -14.09 20.86 -6.44
CA LEU A 5 -14.44 19.89 -5.41
C LEU A 5 -13.19 19.38 -4.68
N VAL A 6 -12.24 18.87 -5.46
CA VAL A 6 -11.00 18.36 -4.89
C VAL A 6 -10.15 19.49 -4.31
N PHE A 7 -10.26 20.67 -4.91
CA PHE A 7 -9.51 21.83 -4.45
C PHE A 7 -10.01 22.30 -3.08
N PHE A 8 -11.29 22.10 -2.82
CA PHE A 8 -11.89 22.50 -1.56
C PHE A 8 -11.48 21.55 -0.43
N ALA A 9 -11.26 20.28 -0.79
CA ALA A 9 -10.85 19.28 0.19
C ALA A 9 -9.45 19.58 0.74
N GLU A 10 -8.54 19.95 -0.16
CA GLU A 10 -7.17 20.26 0.24
C GLU A 10 -7.14 21.44 1.22
N ASP A 11 -8.13 22.31 1.11
CA ASP A 11 -8.22 23.48 1.98
C ASP A 11 -8.24 23.05 3.45
N VAL A 12 -9.06 22.06 3.77
CA VAL A 12 -9.17 21.57 5.13
C VAL A 12 -8.16 20.46 5.40
N GLY A 13 -7.73 19.78 4.34
CA GLY A 13 -6.75 18.72 4.48
C GLY A 13 -7.34 17.48 5.16
N SER A 14 -8.42 16.97 4.58
CA SER A 14 -9.09 15.79 5.14
C SER A 14 -9.05 14.63 4.15
N ASN A 15 -8.11 14.70 3.20
CA ASN A 15 -7.97 13.66 2.19
C ASN A 15 -6.71 12.83 2.44
N LYS A 16 -5.73 13.45 3.08
CA LYS A 16 -4.46 12.78 3.37
C LYS A 16 -4.71 11.46 4.13
N GLY A 17 -5.70 11.47 5.00
CA GLY A 17 -6.02 10.29 5.77
C GLY A 17 -6.25 9.07 4.89
N ALA A 18 -6.95 9.28 3.78
CA ALA A 18 -7.23 8.19 2.84
C ALA A 18 -5.95 7.64 2.24
N ILE A 19 -5.13 8.52 1.67
CA ILE A 19 -3.87 8.12 1.07
C ILE A 19 -3.00 7.34 2.04
N ILE A 20 -2.69 7.97 3.16
CA ILE A 20 -1.86 7.35 4.19
C ILE A 20 -2.46 6.01 4.64
N GLY A 21 -3.79 5.98 4.77
CA GLY A 21 -4.46 4.77 5.19
C GLY A 21 -4.40 3.68 4.13
N LEU A 22 -4.29 4.08 2.87
CA LEU A 22 -4.23 3.13 1.76
C LEU A 22 -2.86 2.47 1.70
N MET A 23 -1.80 3.25 1.89
CA MET A 23 -0.44 2.74 1.86
C MET A 23 -0.16 1.89 3.10
N VAL A 24 -0.65 2.34 4.25
CA VAL A 24 -0.44 1.63 5.50
C VAL A 24 -1.28 0.35 5.54
N GLY A 25 -2.57 0.48 5.27
CA GLY A 25 -3.46 -0.67 5.28
C GLY A 25 -3.05 -1.72 4.27
N GLY A 26 -2.51 -1.28 3.14
CA GLY A 26 -2.09 -2.20 2.09
C GLY A 26 -0.87 -2.99 2.49
N VAL A 27 0.18 -2.30 2.92
CA VAL A 27 1.42 -2.95 3.33
C VAL A 27 1.16 -3.98 4.43
N VAL A 28 0.29 -3.62 5.38
CA VAL A 28 -0.05 -4.51 6.48
C VAL A 28 -0.70 -5.80 5.98
N ILE A 29 -1.81 -5.65 5.26
CA ILE A 29 -2.53 -6.79 4.72
C ILE A 29 -1.59 -7.71 3.94
N ALA A 30 -0.78 -7.12 3.07
CA ALA A 30 0.16 -7.87 2.26
C ALA A 30 1.02 -8.79 3.13
N THR A 31 1.66 -8.21 4.14
CA THR A 31 2.51 -8.97 5.06
C THR A 31 1.71 -10.04 5.79
N VAL A 32 0.49 -9.69 6.20
CA VAL A 32 -0.37 -10.62 6.90
C VAL A 32 -0.54 -11.92 6.12
N ILE A 33 -0.90 -11.79 4.85
CA ILE A 33 -1.10 -12.96 4.00
C ILE A 33 0.20 -13.75 3.84
N VAL A 34 1.30 -13.03 3.60
CA VAL A 34 2.60 -13.66 3.43
C VAL A 34 2.94 -14.55 4.62
N ILE A 35 2.89 -13.99 5.81
CA ILE A 35 3.18 -14.73 7.03
C ILE A 35 2.22 -15.91 7.20
N THR A 36 0.96 -15.70 6.84
CA THR A 36 -0.05 -16.74 6.96
C THR A 36 0.26 -17.91 6.03
N LEU A 37 0.75 -17.60 4.84
CA LEU A 37 1.09 -18.63 3.86
C LEU A 37 2.34 -19.40 4.30
N VAL A 38 3.27 -18.70 4.92
CA VAL A 38 4.52 -19.32 5.39
C VAL A 38 4.23 -20.36 6.48
N MET A 39 3.39 -19.99 7.44
CA MET A 39 3.04 -20.88 8.53
C MET A 39 2.20 -22.05 8.03
N LEU A 40 1.35 -21.78 7.04
CA LEU A 40 0.49 -22.80 6.47
C LEU A 40 1.32 -23.89 5.78
N LYS A 41 2.33 -23.46 5.03
CA LYS A 41 3.21 -24.40 4.32
C LYS A 41 4.25 -24.98 5.27
N LYS A 42 4.61 -24.22 6.29
CA LYS A 42 5.59 -24.67 7.27
C LYS A 42 4.96 -25.57 8.32
N LYS A 43 4.94 -26.87 8.05
CA LYS A 43 4.36 -27.84 8.97
C LYS A 43 5.43 -28.46 9.85
N GLY B 1 14.25 19.00 13.12
CA GLY B 1 13.99 18.46 11.80
C GLY B 1 14.37 19.43 10.69
N SER B 2 14.57 18.90 9.49
CA SER B 2 14.95 19.72 8.34
C SER B 2 13.75 19.99 7.45
N GLN B 3 12.94 20.98 7.84
CA GLN B 3 11.75 21.34 7.07
C GLN B 3 12.14 21.87 5.69
N LYS B 4 13.33 22.46 5.60
CA LYS B 4 13.80 23.00 4.33
C LYS B 4 14.12 21.88 3.34
N LEU B 5 14.61 20.76 3.85
CA LEU B 5 14.94 19.61 3.02
C LEU B 5 13.71 19.09 2.29
N VAL B 6 12.67 18.76 3.06
CA VAL B 6 11.43 18.26 2.48
C VAL B 6 10.71 19.34 1.68
N PHE B 7 10.88 20.59 2.10
CA PHE B 7 10.24 21.71 1.42
C PHE B 7 10.85 21.92 0.04
N PHE B 8 12.14 21.60 -0.08
CA PHE B 8 12.85 21.76 -1.35
C PHE B 8 12.43 20.69 -2.35
N ALA B 9 12.09 19.50 -1.83
CA ALA B 9 11.67 18.40 -2.68
C ALA B 9 10.33 18.69 -3.35
N GLU B 10 9.41 19.26 -2.59
CA GLU B 10 8.09 19.59 -3.13
C GLU B 10 8.20 20.59 -4.27
N ASP B 11 9.24 21.41 -4.23
CA ASP B 11 9.47 22.42 -5.25
C ASP B 11 9.53 21.78 -6.64
N VAL B 12 10.29 20.70 -6.74
CA VAL B 12 10.44 19.99 -8.01
C VAL B 12 9.36 18.92 -8.18
N GLY B 13 8.83 18.44 -7.06
CA GLY B 13 7.79 17.43 -7.10
C GLY B 13 8.32 16.08 -7.55
N SER B 14 9.34 15.58 -6.87
CA SER B 14 9.94 14.29 -7.22
C SER B 14 9.79 13.30 -6.07
N ASN B 15 8.80 13.54 -5.22
CA ASN B 15 8.55 12.67 -4.07
C ASN B 15 7.28 11.85 -4.27
N LYS B 16 6.35 12.39 -5.06
CA LYS B 16 5.09 11.71 -5.34
C LYS B 16 5.33 10.30 -5.87
N GLY B 17 6.37 10.15 -6.68
CA GLY B 17 6.69 8.85 -7.24
C GLY B 17 6.84 7.79 -6.18
N ALA B 18 7.49 8.14 -5.07
CA ALA B 18 7.69 7.20 -3.97
C ALA B 18 6.35 6.79 -3.35
N ILE B 19 5.57 7.79 -2.95
CA ILE B 19 4.27 7.53 -2.34
C ILE B 19 3.40 6.65 -3.23
N ILE B 20 3.14 7.12 -4.45
CA ILE B 20 2.32 6.38 -5.40
C ILE B 20 2.88 4.97 -5.62
N GLY B 21 4.21 4.88 -5.71
CA GLY B 21 4.85 3.59 -5.91
C GLY B 21 4.70 2.67 -4.71
N LEU B 22 4.48 3.25 -3.54
CA LEU B 22 4.33 2.48 -2.32
C LEU B 22 2.91 1.92 -2.20
N MET B 23 1.92 2.76 -2.52
CA MET B 23 0.52 2.35 -2.45
C MET B 23 0.20 1.35 -3.56
N VAL B 24 0.72 1.60 -4.76
CA VAL B 24 0.49 0.73 -5.89
C VAL B 24 1.23 -0.59 -5.74
N GLY B 25 2.53 -0.50 -5.45
CA GLY B 25 3.33 -1.69 -5.28
C GLY B 25 2.84 -2.57 -4.15
N GLY B 26 2.31 -1.95 -3.10
CA GLY B 26 1.81 -2.69 -1.96
C GLY B 26 0.53 -3.45 -2.29
N VAL B 27 -0.45 -2.75 -2.83
CA VAL B 27 -1.72 -3.36 -3.19
C VAL B 27 -1.52 -4.54 -4.12
N VAL B 28 -0.60 -4.38 -5.08
CA VAL B 28 -0.31 -5.43 -6.04
C VAL B 28 0.25 -6.68 -5.35
N ILE B 29 1.35 -6.50 -4.64
CA ILE B 29 1.98 -7.61 -3.93
C ILE B 29 0.97 -8.34 -3.05
N ALA B 30 0.20 -7.57 -2.29
CA ALA B 30 -0.81 -8.15 -1.40
C ALA B 30 -1.71 -9.12 -2.15
N THR B 31 -2.30 -8.64 -3.25
CA THR B 31 -3.19 -9.46 -4.06
C THR B 31 -2.46 -10.68 -4.62
N VAL B 32 -1.22 -10.48 -5.04
CA VAL B 32 -0.41 -11.56 -5.60
C VAL B 32 -0.35 -12.74 -4.64
N ILE B 33 0.01 -12.46 -3.39
CA ILE B 33 0.11 -13.50 -2.38
C ILE B 33 -1.24 -14.16 -2.13
N VAL B 34 -2.28 -13.35 -2.02
CA VAL B 34 -3.64 -13.86 -1.79
C VAL B 34 -4.02 -14.89 -2.84
N ILE B 35 -3.91 -14.50 -4.11
CA ILE B 35 -4.24 -15.40 -5.21
C ILE B 35 -3.37 -16.65 -5.18
N THR B 36 -2.11 -16.47 -4.84
CA THR B 36 -1.16 -17.58 -4.78
C THR B 36 -1.57 -18.59 -3.72
N LEU B 37 -2.05 -18.08 -2.58
CA LEU B 37 -2.48 -18.94 -1.49
C LEU B 37 -3.77 -19.67 -1.83
N VAL B 38 -4.64 -19.01 -2.56
CA VAL B 38 -5.91 -19.60 -2.97
C VAL B 38 -5.69 -20.80 -3.89
N MET B 39 -4.83 -20.62 -4.88
CA MET B 39 -4.52 -21.69 -5.82
C MET B 39 -3.77 -22.83 -5.15
N LEU B 40 -2.92 -22.48 -4.18
CA LEU B 40 -2.13 -23.47 -3.45
C LEU B 40 -3.04 -24.38 -2.64
N LYS B 41 -4.04 -23.79 -1.98
CA LYS B 41 -4.98 -24.55 -1.16
C LYS B 41 -6.06 -25.19 -2.04
N LYS B 42 -6.35 -24.56 -3.17
CA LYS B 42 -7.35 -25.08 -4.10
C LYS B 42 -6.77 -26.16 -4.99
N LYS B 43 -6.85 -27.41 -4.53
CA LYS B 43 -6.32 -28.54 -5.29
C LYS B 43 -7.44 -29.20 -6.10
N GLY A 1 -13.54 -3.69 -2.18
CA GLY A 1 -13.77 -4.21 -3.52
C GLY A 1 -14.48 -3.22 -4.41
N SER A 2 -14.30 -1.93 -4.12
CA SER A 2 -14.93 -0.87 -4.91
C SER A 2 -13.94 0.25 -5.19
N GLN A 3 -13.11 0.06 -6.21
CA GLN A 3 -12.12 1.06 -6.60
C GLN A 3 -12.79 2.39 -6.93
N LYS A 4 -14.02 2.32 -7.43
CA LYS A 4 -14.76 3.51 -7.80
C LYS A 4 -15.00 4.40 -6.58
N LEU A 5 -15.25 3.77 -5.44
CA LEU A 5 -15.49 4.49 -4.20
C LEU A 5 -14.31 5.39 -3.85
N VAL A 6 -13.14 4.78 -3.72
CA VAL A 6 -11.92 5.52 -3.39
C VAL A 6 -11.56 6.50 -4.49
N PHE A 7 -11.96 6.18 -5.72
CA PHE A 7 -11.68 7.03 -6.87
C PHE A 7 -12.18 8.45 -6.62
N PHE A 8 -13.28 8.58 -5.90
CA PHE A 8 -13.88 9.88 -5.59
C PHE A 8 -12.88 10.74 -4.82
N ALA A 9 -12.27 10.18 -3.79
CA ALA A 9 -11.30 10.89 -2.97
C ALA A 9 -10.09 11.31 -3.80
N GLU A 10 -9.69 10.45 -4.74
CA GLU A 10 -8.55 10.73 -5.60
C GLU A 10 -8.85 11.88 -6.55
N ASP A 11 -10.12 12.06 -6.86
CA ASP A 11 -10.55 13.13 -7.76
C ASP A 11 -10.03 14.48 -7.29
N VAL A 12 -9.90 14.63 -5.97
CA VAL A 12 -9.41 15.87 -5.39
C VAL A 12 -7.96 15.74 -4.94
N GLY A 13 -7.58 14.53 -4.54
CA GLY A 13 -6.21 14.29 -4.09
C GLY A 13 -5.81 15.20 -2.94
N SER A 14 -6.71 15.35 -1.97
CA SER A 14 -6.44 16.20 -0.82
C SER A 14 -6.48 15.39 0.47
N ASN A 15 -7.52 14.58 0.61
CA ASN A 15 -7.68 13.75 1.81
C ASN A 15 -6.42 12.94 2.08
N LYS A 16 -5.86 13.11 3.27
CA LYS A 16 -4.65 12.38 3.67
C LYS A 16 -4.99 10.98 4.17
N GLY A 17 -6.11 10.87 4.86
CA GLY A 17 -6.53 9.57 5.39
C GLY A 17 -6.56 8.50 4.32
N ALA A 18 -7.01 8.86 3.13
CA ALA A 18 -7.08 7.91 2.01
C ALA A 18 -5.70 7.48 1.58
N ILE A 19 -4.84 8.46 1.29
CA ILE A 19 -3.48 8.17 0.86
C ILE A 19 -2.76 7.27 1.86
N ILE A 20 -2.66 7.72 3.10
CA ILE A 20 -1.99 6.96 4.14
C ILE A 20 -2.67 5.60 4.35
N GLY A 21 -3.99 5.63 4.52
CA GLY A 21 -4.74 4.40 4.71
C GLY A 21 -4.51 3.39 3.59
N LEU A 22 -4.23 3.90 2.40
CA LEU A 22 -3.99 3.04 1.24
C LEU A 22 -2.63 2.37 1.33
N MET A 23 -1.59 3.17 1.51
CA MET A 23 -0.23 2.65 1.62
C MET A 23 -0.09 1.76 2.85
N VAL A 24 -0.67 2.19 3.96
CA VAL A 24 -0.62 1.43 5.20
C VAL A 24 -1.39 0.11 5.08
N GLY A 25 -2.65 0.22 4.66
CA GLY A 25 -3.47 -0.97 4.51
C GLY A 25 -2.84 -2.00 3.60
N GLY A 26 -2.09 -1.54 2.61
CA GLY A 26 -1.44 -2.46 1.69
C GLY A 26 -0.26 -3.18 2.32
N VAL A 27 0.57 -2.44 3.03
CA VAL A 27 1.74 -3.02 3.69
C VAL A 27 1.32 -3.94 4.84
N VAL A 28 0.24 -3.56 5.52
CA VAL A 28 -0.26 -4.36 6.64
C VAL A 28 -0.83 -5.69 6.16
N ILE A 29 -1.86 -5.61 5.32
CA ILE A 29 -2.49 -6.82 4.79
C ILE A 29 -1.46 -7.72 4.11
N ALA A 30 -0.63 -7.12 3.26
CA ALA A 30 0.39 -7.87 2.54
C ALA A 30 1.26 -8.68 3.51
N THR A 31 1.90 -7.98 4.43
CA THR A 31 2.77 -8.63 5.42
C THR A 31 2.03 -9.75 6.14
N VAL A 32 0.86 -9.43 6.68
CA VAL A 32 0.05 -10.42 7.40
C VAL A 32 -0.12 -11.69 6.56
N ILE A 33 -0.57 -11.52 5.33
CA ILE A 33 -0.78 -12.65 4.43
C ILE A 33 0.50 -13.46 4.26
N VAL A 34 1.61 -12.77 4.06
CA VAL A 34 2.90 -13.43 3.88
C VAL A 34 3.19 -14.38 5.04
N ILE A 35 3.14 -13.87 6.26
CA ILE A 35 3.39 -14.67 7.44
C ILE A 35 2.42 -15.85 7.53
N THR A 36 1.20 -15.63 7.07
CA THR A 36 0.17 -16.66 7.10
C THR A 36 0.51 -17.78 6.13
N LEU A 37 0.91 -17.43 4.91
CA LEU A 37 1.27 -18.40 3.91
C LEU A 37 2.49 -19.23 4.33
N VAL A 38 3.51 -18.53 4.84
CA VAL A 38 4.73 -19.18 5.30
C VAL A 38 4.44 -20.16 6.43
N MET A 39 3.55 -19.75 7.34
CA MET A 39 3.19 -20.59 8.47
C MET A 39 2.38 -21.80 8.02
N LEU A 40 1.55 -21.60 7.01
CA LEU A 40 0.72 -22.68 6.48
C LEU A 40 1.57 -23.77 5.83
N LYS A 41 2.52 -23.34 5.01
CA LYS A 41 3.41 -24.28 4.32
C LYS A 41 4.51 -24.76 5.27
N LYS A 42 4.80 -23.98 6.29
CA LYS A 42 5.82 -24.32 7.27
C LYS A 42 5.59 -25.72 7.83
N LYS A 43 4.42 -25.93 8.42
CA LYS A 43 4.07 -27.22 8.99
C LYS A 43 2.61 -27.56 8.72
N GLY B 1 11.83 -2.54 7.32
CA GLY B 1 11.84 -2.56 8.76
C GLY B 1 12.46 -1.31 9.36
N SER B 2 12.39 -0.21 8.61
CA SER B 2 12.96 1.05 9.07
C SER B 2 12.00 2.21 8.80
N GLN B 3 11.03 2.39 9.69
CA GLN B 3 10.05 3.46 9.55
C GLN B 3 10.73 4.82 9.50
N LYS B 4 11.87 4.93 10.18
CA LYS B 4 12.62 6.18 10.22
C LYS B 4 13.07 6.58 8.82
N LEU B 5 13.45 5.59 8.02
CA LEU B 5 13.91 5.85 6.66
C LEU B 5 12.83 6.55 5.84
N VAL B 6 11.66 5.93 5.74
CA VAL B 6 10.54 6.50 5.00
C VAL B 6 10.06 7.79 5.64
N PHE B 7 10.27 7.91 6.95
CA PHE B 7 9.84 9.10 7.69
C PHE B 7 10.44 10.36 7.07
N PHE B 8 11.64 10.23 6.52
CA PHE B 8 12.32 11.36 5.89
C PHE B 8 11.49 11.92 4.74
N ALA B 9 11.03 11.04 3.86
CA ALA B 9 10.23 11.44 2.73
C ALA B 9 8.90 12.06 3.17
N GLU B 10 8.34 11.52 4.24
CA GLU B 10 7.07 12.01 4.77
C GLU B 10 7.25 13.39 5.39
N ASP B 11 8.46 13.68 5.85
CA ASP B 11 8.76 14.96 6.46
C ASP B 11 8.36 16.11 5.54
N VAL B 12 8.47 15.88 4.23
CA VAL B 12 8.11 16.90 3.25
C VAL B 12 6.76 16.60 2.61
N GLY B 13 6.45 15.32 2.46
CA GLY B 13 5.18 14.92 1.86
C GLY B 13 4.98 15.53 0.50
N SER B 14 6.02 15.50 -0.33
CA SER B 14 5.95 16.05 -1.67
C SER B 14 6.20 14.97 -2.72
N ASN B 15 7.24 14.17 -2.52
CA ASN B 15 7.58 13.10 -3.44
C ASN B 15 6.36 12.21 -3.71
N LYS B 16 5.97 12.13 -4.98
CA LYS B 16 4.83 11.32 -5.37
C LYS B 16 5.25 9.88 -5.63
N GLY B 17 6.44 9.71 -6.20
CA GLY B 17 6.94 8.38 -6.49
C GLY B 17 6.91 7.47 -5.29
N ALA B 18 7.28 8.00 -4.13
CA ALA B 18 7.30 7.24 -2.89
C ALA B 18 5.87 6.88 -2.45
N ILE B 19 5.03 7.90 -2.34
CA ILE B 19 3.64 7.69 -1.93
C ILE B 19 2.94 6.69 -2.86
N ILE B 20 2.90 7.01 -4.14
CA ILE B 20 2.27 6.15 -5.13
C ILE B 20 2.91 4.77 -5.14
N GLY B 21 4.23 4.74 -5.26
CA GLY B 21 4.94 3.47 -5.28
C GLY B 21 4.63 2.61 -4.08
N LEU B 22 4.28 3.24 -2.97
CA LEU B 22 3.96 2.53 -1.74
C LEU B 22 2.58 1.89 -1.82
N MET B 23 1.57 2.72 -2.12
CA MET B 23 0.20 2.24 -2.24
C MET B 23 0.07 1.22 -3.36
N VAL B 24 0.72 1.51 -4.49
CA VAL B 24 0.67 0.61 -5.64
C VAL B 24 1.34 -0.72 -5.32
N GLY B 25 2.64 -0.67 -5.02
CA GLY B 25 3.37 -1.88 -4.70
C GLY B 25 2.70 -2.69 -3.61
N GLY B 26 1.96 -2.01 -2.74
CA GLY B 26 1.28 -2.70 -1.66
C GLY B 26 0.12 -3.55 -2.15
N VAL B 27 -0.76 -2.94 -2.94
CA VAL B 27 -1.92 -3.65 -3.48
C VAL B 27 -1.50 -4.71 -4.48
N VAL B 28 -0.34 -4.50 -5.10
CA VAL B 28 0.18 -5.44 -6.09
C VAL B 28 0.63 -6.74 -5.43
N ILE B 29 1.59 -6.64 -4.53
CA ILE B 29 2.11 -7.80 -3.82
C ILE B 29 0.99 -8.55 -3.10
N ALA B 30 0.15 -7.80 -2.40
CA ALA B 30 -0.97 -8.39 -1.67
C ALA B 30 -1.83 -9.26 -2.59
N THR B 31 -2.39 -8.63 -3.62
CA THR B 31 -3.24 -9.34 -4.57
C THR B 31 -2.55 -10.59 -5.10
N VAL B 32 -1.32 -10.44 -5.59
CA VAL B 32 -0.56 -11.56 -6.12
C VAL B 32 -0.52 -12.71 -5.13
N ILE B 33 -0.15 -12.42 -3.89
CA ILE B 33 -0.08 -13.43 -2.84
C ILE B 33 -1.43 -14.09 -2.63
N VAL B 34 -2.49 -13.28 -2.59
CA VAL B 34 -3.83 -13.79 -2.38
C VAL B 34 -4.17 -14.87 -3.41
N ILE B 35 -4.07 -14.52 -4.68
CA ILE B 35 -4.36 -15.46 -5.76
C ILE B 35 -3.51 -16.72 -5.63
N THR B 36 -2.27 -16.55 -5.17
CA THR B 36 -1.36 -17.68 -5.00
C THR B 36 -1.83 -18.60 -3.89
N LEU B 37 -2.20 -18.02 -2.75
CA LEU B 37 -2.66 -18.79 -1.60
C LEU B 37 -3.98 -19.48 -1.92
N VAL B 38 -4.90 -18.74 -2.54
CA VAL B 38 -6.21 -19.28 -2.90
C VAL B 38 -6.07 -20.46 -3.85
N MET B 39 -5.12 -20.36 -4.77
CA MET B 39 -4.89 -21.42 -5.75
C MET B 39 -4.27 -22.64 -5.08
N LEU B 40 -3.45 -22.40 -4.07
CA LEU B 40 -2.79 -23.49 -3.34
C LEU B 40 -3.81 -24.32 -2.57
N LYS B 41 -4.71 -23.65 -1.86
CA LYS B 41 -5.73 -24.33 -1.08
C LYS B 41 -6.87 -24.79 -1.98
N LYS B 42 -7.03 -24.12 -3.12
CA LYS B 42 -8.08 -24.47 -4.06
C LYS B 42 -8.05 -25.95 -4.41
N LYS B 43 -6.91 -26.41 -4.92
CA LYS B 43 -6.75 -27.81 -5.28
C LYS B 43 -5.35 -28.31 -4.91
N GLY A 1 -18.56 10.68 -12.70
CA GLY A 1 -19.42 11.59 -11.97
C GLY A 1 -19.28 11.43 -10.46
N SER A 2 -19.04 10.21 -10.01
CA SER A 2 -18.88 9.93 -8.59
C SER A 2 -17.46 10.27 -8.12
N GLN A 3 -16.48 9.75 -8.85
CA GLN A 3 -15.08 10.00 -8.51
C GLN A 3 -14.77 11.49 -8.50
N LYS A 4 -15.53 12.25 -9.28
CA LYS A 4 -15.34 13.69 -9.37
C LYS A 4 -15.62 14.35 -8.03
N LEU A 5 -16.58 13.81 -7.28
CA LEU A 5 -16.95 14.35 -5.98
C LEU A 5 -15.89 14.01 -4.93
N VAL A 6 -15.35 12.79 -5.03
CA VAL A 6 -14.33 12.33 -4.09
C VAL A 6 -13.01 13.08 -4.31
N PHE A 7 -12.65 13.27 -5.57
CA PHE A 7 -11.42 13.96 -5.90
C PHE A 7 -11.37 15.34 -5.25
N PHE A 8 -12.53 15.98 -5.15
CA PHE A 8 -12.62 17.31 -4.54
C PHE A 8 -12.04 17.30 -3.13
N ALA A 9 -12.31 16.23 -2.39
CA ALA A 9 -11.81 16.10 -1.03
C ALA A 9 -10.31 15.85 -1.02
N GLU A 10 -9.85 15.04 -1.97
CA GLU A 10 -8.42 14.72 -2.07
C GLU A 10 -7.58 15.97 -2.28
N ASP A 11 -8.21 16.99 -2.88
CA ASP A 11 -7.53 18.25 -3.15
C ASP A 11 -7.39 19.08 -1.87
N VAL A 12 -8.47 19.16 -1.11
CA VAL A 12 -8.47 19.92 0.14
C VAL A 12 -7.60 19.25 1.19
N GLY A 13 -8.04 18.11 1.69
CA GLY A 13 -7.29 17.39 2.70
C GLY A 13 -8.16 16.87 3.82
N SER A 14 -9.34 16.36 3.47
CA SER A 14 -10.27 15.83 4.45
C SER A 14 -10.42 14.32 4.30
N ASN A 15 -10.16 13.82 3.10
CA ASN A 15 -10.27 12.39 2.83
C ASN A 15 -8.91 11.72 2.95
N LYS A 16 -8.00 12.35 3.69
CA LYS A 16 -6.66 11.81 3.89
C LYS A 16 -6.73 10.37 4.40
N GLY A 17 -7.79 10.05 5.12
CA GLY A 17 -7.94 8.71 5.66
C GLY A 17 -7.81 7.65 4.59
N ALA A 18 -8.45 7.87 3.45
CA ALA A 18 -8.40 6.92 2.34
C ALA A 18 -6.95 6.64 1.94
N ILE A 19 -6.17 7.69 1.73
CA ILE A 19 -4.78 7.55 1.34
C ILE A 19 -4.01 6.74 2.37
N ILE A 20 -3.99 7.21 3.61
CA ILE A 20 -3.29 6.51 4.69
C ILE A 20 -3.71 5.05 4.76
N GLY A 21 -5.02 4.81 4.75
CA GLY A 21 -5.52 3.46 4.81
C GLY A 21 -5.06 2.60 3.65
N LEU A 22 -4.78 3.25 2.53
CA LEU A 22 -4.33 2.55 1.33
C LEU A 22 -2.89 2.08 1.48
N MET A 23 -2.02 2.99 1.91
CA MET A 23 -0.61 2.66 2.11
C MET A 23 -0.42 1.78 3.33
N VAL A 24 -0.96 2.21 4.46
CA VAL A 24 -0.85 1.45 5.71
C VAL A 24 -1.52 0.09 5.58
N GLY A 25 -2.79 0.09 5.15
CA GLY A 25 -3.52 -1.15 4.99
C GLY A 25 -2.86 -2.09 4.01
N GLY A 26 -2.31 -1.54 2.94
CA GLY A 26 -1.66 -2.35 1.93
C GLY A 26 -0.46 -3.11 2.49
N VAL A 27 0.37 -2.42 3.26
CA VAL A 27 1.55 -3.03 3.85
C VAL A 27 1.17 -4.04 4.93
N VAL A 28 0.10 -3.72 5.67
CA VAL A 28 -0.37 -4.59 6.74
C VAL A 28 -0.97 -5.87 6.18
N ILE A 29 -1.95 -5.72 5.28
CA ILE A 29 -2.60 -6.86 4.67
C ILE A 29 -1.58 -7.81 4.04
N ALA A 30 -0.68 -7.25 3.24
CA ALA A 30 0.35 -8.04 2.58
C ALA A 30 1.14 -8.86 3.59
N THR A 31 1.78 -8.18 4.54
CA THR A 31 2.57 -8.83 5.56
C THR A 31 1.77 -9.94 6.24
N VAL A 32 0.58 -9.60 6.71
CA VAL A 32 -0.29 -10.57 7.38
C VAL A 32 -0.43 -11.85 6.55
N ILE A 33 -0.79 -11.68 5.29
CA ILE A 33 -0.97 -12.82 4.40
C ILE A 33 0.34 -13.57 4.20
N VAL A 34 1.39 -12.84 3.83
CA VAL A 34 2.70 -13.44 3.62
C VAL A 34 3.12 -14.29 4.81
N ILE A 35 3.11 -13.69 5.99
CA ILE A 35 3.49 -14.39 7.21
C ILE A 35 2.64 -15.63 7.41
N THR A 36 1.37 -15.54 7.03
CA THR A 36 0.44 -16.66 7.17
C THR A 36 0.78 -17.79 6.19
N LEU A 37 1.05 -17.40 4.95
CA LEU A 37 1.39 -18.38 3.91
C LEU A 37 2.73 -19.06 4.22
N VAL A 38 3.67 -18.29 4.75
CA VAL A 38 4.98 -18.82 5.09
C VAL A 38 4.88 -19.85 6.22
N MET A 39 4.22 -19.47 7.31
CA MET A 39 4.06 -20.34 8.45
C MET A 39 3.16 -21.53 8.09
N LEU A 40 2.17 -21.27 7.25
CA LEU A 40 1.23 -22.32 6.83
C LEU A 40 1.95 -23.40 6.02
N LYS A 41 2.82 -22.97 5.11
CA LYS A 41 3.57 -23.90 4.29
C LYS A 41 4.76 -24.48 5.05
N LYS A 42 5.25 -23.72 6.03
CA LYS A 42 6.38 -24.15 6.84
C LYS A 42 6.09 -25.49 7.52
N LYS A 43 7.13 -26.28 7.73
CA LYS A 43 6.99 -27.58 8.37
C LYS A 43 7.09 -27.44 9.90
N GLY B 1 15.26 13.19 13.91
CA GLY B 1 16.33 13.88 13.21
C GLY B 1 16.51 13.39 11.80
N SER B 2 16.29 12.09 11.59
CA SER B 2 16.44 11.49 10.27
C SER B 2 15.19 11.72 9.42
N GLN B 3 14.03 11.41 9.99
CA GLN B 3 12.77 11.59 9.29
C GLN B 3 12.57 13.04 8.88
N LYS B 4 13.19 13.95 9.63
CA LYS B 4 13.07 15.38 9.34
C LYS B 4 13.69 15.71 7.98
N LEU B 5 14.75 14.99 7.62
CA LEU B 5 15.42 15.21 6.35
C LEU B 5 14.60 14.64 5.19
N VAL B 6 13.97 13.49 5.42
CA VAL B 6 13.15 12.84 4.41
C VAL B 6 11.86 13.62 4.17
N PHE B 7 11.25 14.09 5.24
CA PHE B 7 10.01 14.85 5.15
C PHE B 7 10.17 16.05 4.22
N PHE B 8 11.37 16.65 4.24
CA PHE B 8 11.66 17.80 3.40
C PHE B 8 11.36 17.49 1.93
N ALA B 9 11.72 16.30 1.50
CA ALA B 9 11.48 15.88 0.12
C ALA B 9 10.01 15.64 -0.15
N GLU B 10 9.33 15.03 0.84
CA GLU B 10 7.90 14.75 0.70
C GLU B 10 7.10 16.03 0.54
N ASP B 11 7.64 17.13 1.06
CA ASP B 11 6.97 18.42 0.98
C ASP B 11 7.09 19.00 -0.43
N VAL B 12 8.29 18.92 -1.00
CA VAL B 12 8.55 19.45 -2.34
C VAL B 12 7.81 18.62 -3.39
N GLY B 13 8.29 17.40 -3.62
CA GLY B 13 7.67 16.54 -4.60
C GLY B 13 8.68 15.84 -5.50
N SER B 14 9.78 15.38 -4.90
CA SER B 14 10.83 14.71 -5.65
C SER B 14 10.89 13.23 -5.29
N ASN B 15 10.45 12.90 -4.08
CA ASN B 15 10.47 11.52 -3.60
C ASN B 15 9.10 10.87 -3.83
N LYS B 16 8.33 11.42 -4.76
CA LYS B 16 7.01 10.88 -5.07
C LYS B 16 7.09 9.40 -5.42
N GLY B 17 8.21 9.00 -6.01
CA GLY B 17 8.39 7.61 -6.38
C GLY B 17 8.14 6.66 -5.23
N ALA B 18 8.71 6.97 -4.07
CA ALA B 18 8.55 6.14 -2.89
C ALA B 18 7.08 5.95 -2.55
N ILE B 19 6.35 7.07 -2.47
CA ILE B 19 4.93 7.03 -2.15
C ILE B 19 4.16 6.18 -3.16
N ILE B 20 4.23 6.57 -4.43
CA ILE B 20 3.55 5.84 -5.49
C ILE B 20 3.87 4.35 -5.44
N GLY B 21 5.16 4.04 -5.33
CA GLY B 21 5.57 2.65 -5.26
C GLY B 21 4.98 1.92 -4.08
N LEU B 22 4.73 2.66 -3.00
CA LEU B 22 4.17 2.08 -1.79
C LEU B 22 2.71 1.68 -2.01
N MET B 23 1.93 2.59 -2.58
CA MET B 23 0.52 2.34 -2.84
C MET B 23 0.35 1.32 -3.96
N VAL B 24 0.87 1.64 -5.14
CA VAL B 24 0.78 0.75 -6.29
C VAL B 24 1.43 -0.60 -5.99
N GLY B 25 2.70 -0.56 -5.64
CA GLY B 25 3.42 -1.79 -5.34
C GLY B 25 2.76 -2.58 -4.21
N GLY B 26 2.18 -1.86 -3.24
CA GLY B 26 1.53 -2.52 -2.13
C GLY B 26 0.36 -3.38 -2.56
N VAL B 27 -0.51 -2.82 -3.39
CA VAL B 27 -1.68 -3.53 -3.88
C VAL B 27 -1.28 -4.66 -4.83
N VAL B 28 -0.14 -4.48 -5.49
CA VAL B 28 0.36 -5.48 -6.44
C VAL B 28 0.82 -6.73 -5.71
N ILE B 29 1.77 -6.55 -4.79
CA ILE B 29 2.30 -7.68 -4.02
C ILE B 29 1.20 -8.41 -3.28
N ALA B 30 0.35 -7.66 -2.59
CA ALA B 30 -0.76 -8.23 -1.84
C ALA B 30 -1.61 -9.13 -2.72
N THR B 31 -2.16 -8.56 -3.79
CA THR B 31 -3.00 -9.31 -4.71
C THR B 31 -2.30 -10.59 -5.17
N VAL B 32 -1.07 -10.46 -5.65
CA VAL B 32 -0.29 -11.60 -6.12
C VAL B 32 -0.29 -12.72 -5.07
N ILE B 33 0.12 -12.38 -3.86
CA ILE B 33 0.16 -13.36 -2.78
C ILE B 33 -1.21 -13.94 -2.49
N VAL B 34 -2.19 -13.06 -2.29
CA VAL B 34 -3.56 -13.49 -2.01
C VAL B 34 -4.04 -14.48 -3.05
N ILE B 35 -4.03 -14.07 -4.32
CA ILE B 35 -4.46 -14.93 -5.42
C ILE B 35 -3.74 -16.26 -5.38
N THR B 36 -2.47 -16.25 -4.98
CA THR B 36 -1.67 -17.46 -4.91
C THR B 36 -2.13 -18.35 -3.76
N LEU B 37 -2.36 -17.75 -2.61
CA LEU B 37 -2.80 -18.49 -1.43
C LEU B 37 -4.22 -19.04 -1.64
N VAL B 38 -5.06 -18.25 -2.29
CA VAL B 38 -6.44 -18.66 -2.56
C VAL B 38 -6.48 -19.86 -3.49
N MET B 39 -5.79 -19.76 -4.61
CA MET B 39 -5.76 -20.85 -5.59
C MET B 39 -5.02 -22.05 -5.02
N LEU B 40 -3.99 -21.80 -4.21
CA LEU B 40 -3.21 -22.86 -3.60
C LEU B 40 -4.07 -23.69 -2.65
N LYS B 41 -4.86 -23.00 -1.84
CA LYS B 41 -5.72 -23.67 -0.87
C LYS B 41 -7.00 -24.19 -1.55
N LYS B 42 -7.38 -23.54 -2.64
CA LYS B 42 -8.57 -23.94 -3.38
C LYS B 42 -8.47 -25.40 -3.83
N LYS B 43 -9.62 -26.06 -3.92
CA LYS B 43 -9.66 -27.46 -4.35
C LYS B 43 -9.77 -27.57 -5.87
N GLY A 1 -20.75 0.42 -5.62
CA GLY A 1 -19.64 -0.51 -5.53
C GLY A 1 -18.73 -0.21 -4.35
N SER A 2 -17.58 -0.87 -4.30
CA SER A 2 -16.63 -0.67 -3.22
C SER A 2 -15.41 0.10 -3.71
N GLN A 3 -14.83 -0.35 -4.81
CA GLN A 3 -13.66 0.30 -5.37
C GLN A 3 -13.98 1.71 -5.84
N LYS A 4 -15.24 1.95 -6.16
CA LYS A 4 -15.68 3.27 -6.61
C LYS A 4 -15.38 4.33 -5.56
N LEU A 5 -15.53 3.97 -4.29
CA LEU A 5 -15.27 4.89 -3.20
C LEU A 5 -13.79 5.28 -3.15
N VAL A 6 -12.92 4.28 -3.16
CA VAL A 6 -11.48 4.51 -3.12
C VAL A 6 -11.04 5.37 -4.30
N PHE A 7 -11.68 5.18 -5.44
CA PHE A 7 -11.36 5.94 -6.65
C PHE A 7 -11.74 7.41 -6.48
N PHE A 8 -12.78 7.67 -5.69
CA PHE A 8 -13.24 9.02 -5.45
C PHE A 8 -12.29 9.76 -4.53
N ALA A 9 -11.71 9.04 -3.57
CA ALA A 9 -10.78 9.64 -2.62
C ALA A 9 -9.55 10.20 -3.34
N GLU A 10 -8.97 9.40 -4.22
CA GLU A 10 -7.79 9.83 -4.97
C GLU A 10 -8.11 11.05 -5.84
N ASP A 11 -9.32 11.10 -6.35
CA ASP A 11 -9.75 12.21 -7.18
C ASP A 11 -9.48 13.55 -6.50
N VAL A 12 -10.01 13.70 -5.29
CA VAL A 12 -9.82 14.93 -4.52
C VAL A 12 -8.42 15.01 -3.94
N GLY A 13 -8.09 14.06 -3.08
CA GLY A 13 -6.78 14.03 -2.46
C GLY A 13 -6.73 14.82 -1.16
N SER A 14 -7.89 15.02 -0.56
CA SER A 14 -7.98 15.77 0.70
C SER A 14 -7.99 14.83 1.89
N ASN A 15 -8.94 13.89 1.90
CA ASN A 15 -9.05 12.93 2.99
C ASN A 15 -7.71 12.23 3.24
N LYS A 16 -7.11 12.52 4.39
CA LYS A 16 -5.83 11.92 4.75
C LYS A 16 -6.02 10.47 5.22
N GLY A 17 -7.11 10.23 5.93
CA GLY A 17 -7.39 8.91 6.43
C GLY A 17 -7.37 7.85 5.34
N ALA A 18 -7.81 8.23 4.15
CA ALA A 18 -7.83 7.31 3.01
C ALA A 18 -6.42 7.00 2.54
N ILE A 19 -5.63 8.05 2.29
CA ILE A 19 -4.26 7.88 1.83
C ILE A 19 -3.46 7.02 2.80
N ILE A 20 -3.37 7.46 4.05
CA ILE A 20 -2.64 6.74 5.07
C ILE A 20 -3.08 5.28 5.15
N GLY A 21 -4.39 5.07 5.25
CA GLY A 21 -4.92 3.73 5.31
C GLY A 21 -4.56 2.90 4.10
N LEU A 22 -4.33 3.56 2.98
CA LEU A 22 -3.97 2.87 1.73
C LEU A 22 -2.54 2.36 1.79
N MET A 23 -1.61 3.23 2.20
CA MET A 23 -0.20 2.85 2.29
C MET A 23 0.03 1.93 3.49
N VAL A 24 -0.43 2.36 4.66
CA VAL A 24 -0.27 1.58 5.88
C VAL A 24 -0.99 0.24 5.77
N GLY A 25 -2.24 0.28 5.31
CA GLY A 25 -3.02 -0.94 5.16
C GLY A 25 -2.42 -1.88 4.13
N GLY A 26 -2.06 -1.35 2.97
CA GLY A 26 -1.48 -2.17 1.92
C GLY A 26 -0.26 -2.93 2.39
N VAL A 27 0.59 -2.26 3.16
CA VAL A 27 1.80 -2.88 3.68
C VAL A 27 1.48 -3.94 4.73
N VAL A 28 0.67 -3.56 5.71
CA VAL A 28 0.28 -4.48 6.78
C VAL A 28 -0.41 -5.70 6.21
N ILE A 29 -1.50 -5.48 5.48
CA ILE A 29 -2.26 -6.58 4.87
C ILE A 29 -1.35 -7.51 4.09
N ALA A 30 -0.51 -6.93 3.24
CA ALA A 30 0.42 -7.71 2.43
C ALA A 30 1.24 -8.67 3.30
N THR A 31 1.86 -8.13 4.33
CA THR A 31 2.67 -8.93 5.23
C THR A 31 1.83 -10.01 5.92
N VAL A 32 0.60 -9.65 6.27
CA VAL A 32 -0.30 -10.58 6.94
C VAL A 32 -0.51 -11.84 6.09
N ILE A 33 -0.86 -11.64 4.84
CA ILE A 33 -1.09 -12.76 3.92
C ILE A 33 0.17 -13.60 3.76
N VAL A 34 1.31 -12.93 3.61
CA VAL A 34 2.58 -13.62 3.45
C VAL A 34 2.84 -14.57 4.61
N ILE A 35 2.79 -14.04 5.83
CA ILE A 35 3.03 -14.85 7.02
C ILE A 35 2.00 -15.97 7.13
N THR A 36 0.77 -15.68 6.72
CA THR A 36 -0.30 -16.67 6.77
C THR A 36 -0.02 -17.85 5.84
N LEU A 37 0.50 -17.55 4.65
CA LEU A 37 0.82 -18.58 3.67
C LEU A 37 1.96 -19.46 4.18
N VAL A 38 3.03 -18.83 4.66
CA VAL A 38 4.19 -19.55 5.17
C VAL A 38 3.80 -20.44 6.35
N MET A 39 2.99 -19.89 7.25
CA MET A 39 2.55 -20.63 8.43
C MET A 39 1.68 -21.81 8.03
N LEU A 40 0.76 -21.58 7.10
CA LEU A 40 -0.15 -22.62 6.62
C LEU A 40 0.64 -23.78 6.02
N LYS A 41 1.81 -23.49 5.49
CA LYS A 41 2.66 -24.50 4.89
C LYS A 41 3.48 -25.22 5.95
N LYS A 42 3.92 -24.47 6.96
CA LYS A 42 4.73 -25.04 8.05
C LYS A 42 5.20 -23.94 8.99
N LYS A 43 5.32 -24.28 10.27
CA LYS A 43 5.77 -23.33 11.28
C LYS A 43 4.94 -22.04 11.22
N GLY B 1 19.92 1.41 8.16
CA GLY B 1 18.79 0.50 8.14
C GLY B 1 18.08 0.50 6.81
N SER B 2 16.91 -0.14 6.77
CA SER B 2 16.12 -0.22 5.54
C SER B 2 14.88 0.66 5.63
N GLN B 3 14.15 0.52 6.73
CA GLN B 3 12.93 1.31 6.94
C GLN B 3 13.26 2.79 7.05
N LYS B 4 14.47 3.10 7.49
CA LYS B 4 14.92 4.48 7.64
C LYS B 4 14.79 5.23 6.32
N LEU B 5 15.10 4.55 5.22
CA LEU B 5 15.02 5.16 3.91
C LEU B 5 13.59 5.54 3.56
N VAL B 6 12.67 4.59 3.71
CA VAL B 6 11.27 4.84 3.41
C VAL B 6 10.71 5.97 4.26
N PHE B 7 11.20 6.07 5.49
CA PHE B 7 10.76 7.11 6.41
C PHE B 7 11.23 8.48 5.94
N PHE B 8 12.37 8.51 5.26
CA PHE B 8 12.93 9.76 4.76
C PHE B 8 12.13 10.27 3.55
N ALA B 9 11.64 9.35 2.74
CA ALA B 9 10.85 9.70 1.56
C ALA B 9 9.58 10.44 1.96
N GLU B 10 8.85 9.91 2.93
CA GLU B 10 7.61 10.52 3.39
C GLU B 10 7.88 11.91 3.97
N ASP B 11 9.04 12.06 4.61
CA ASP B 11 9.42 13.34 5.21
C ASP B 11 9.31 14.46 4.19
N VAL B 12 9.98 14.30 3.06
CA VAL B 12 9.95 15.32 2.01
C VAL B 12 8.62 15.30 1.26
N GLY B 13 8.32 14.17 0.61
CA GLY B 13 7.08 14.05 -0.13
C GLY B 13 7.22 14.52 -1.56
N SER B 14 8.45 14.53 -2.07
CA SER B 14 8.71 14.97 -3.44
C SER B 14 8.75 13.77 -4.39
N ASN B 15 9.61 12.81 -4.09
CA ASN B 15 9.76 11.62 -4.91
C ASN B 15 8.40 10.96 -5.14
N LYS B 16 7.92 11.02 -6.38
CA LYS B 16 6.64 10.43 -6.73
C LYS B 16 6.77 8.92 -6.90
N GLY B 17 7.90 8.48 -7.45
CA GLY B 17 8.13 7.07 -7.66
C GLY B 17 7.96 6.25 -6.39
N ALA B 18 8.36 6.84 -5.26
CA ALA B 18 8.25 6.17 -3.98
C ALA B 18 6.79 6.05 -3.54
N ILE B 19 6.09 7.19 -3.54
CA ILE B 19 4.68 7.22 -3.15
C ILE B 19 3.85 6.28 -4.01
N ILE B 20 3.87 6.50 -5.32
CA ILE B 20 3.13 5.68 -6.26
C ILE B 20 3.42 4.19 -6.03
N GLY B 21 4.70 3.84 -6.01
CA GLY B 21 5.09 2.47 -5.81
C GLY B 21 4.59 1.91 -4.49
N LEU B 22 4.39 2.80 -3.52
CA LEU B 22 3.91 2.38 -2.20
C LEU B 22 2.45 1.98 -2.26
N MET B 23 1.63 2.81 -2.90
CA MET B 23 0.20 2.54 -3.03
C MET B 23 -0.05 1.47 -4.08
N VAL B 24 0.38 1.73 -5.30
CA VAL B 24 0.21 0.78 -6.40
C VAL B 24 0.87 -0.54 -6.09
N GLY B 25 2.11 -0.49 -5.64
CA GLY B 25 2.85 -1.69 -5.31
C GLY B 25 2.22 -2.46 -4.16
N GLY B 26 1.90 -1.75 -3.08
CA GLY B 26 1.31 -2.39 -1.92
C GLY B 26 0.04 -3.14 -2.28
N VAL B 27 -0.79 -2.54 -3.13
CA VAL B 27 -2.04 -3.17 -3.55
C VAL B 27 -1.79 -4.37 -4.43
N VAL B 28 -0.96 -4.19 -5.47
CA VAL B 28 -0.64 -5.27 -6.39
C VAL B 28 -0.01 -6.45 -5.66
N ILE B 29 1.09 -6.19 -4.95
CA ILE B 29 1.78 -7.23 -4.21
C ILE B 29 0.82 -7.98 -3.29
N ALA B 30 0.03 -7.23 -2.53
CA ALA B 30 -0.94 -7.83 -1.62
C ALA B 30 -1.82 -8.85 -2.34
N THR B 31 -2.42 -8.43 -3.45
CA THR B 31 -3.28 -9.30 -4.22
C THR B 31 -2.52 -10.52 -4.75
N VAL B 32 -1.27 -10.29 -5.15
CA VAL B 32 -0.43 -11.36 -5.68
C VAL B 32 -0.30 -12.49 -4.67
N ILE B 33 0.07 -12.15 -3.43
CA ILE B 33 0.23 -13.14 -2.38
C ILE B 33 -1.08 -13.86 -2.11
N VAL B 34 -2.17 -13.10 -2.05
CA VAL B 34 -3.48 -13.68 -1.79
C VAL B 34 -3.82 -14.76 -2.81
N ILE B 35 -3.74 -14.40 -4.09
CA ILE B 35 -4.03 -15.35 -5.16
C ILE B 35 -3.10 -16.56 -5.10
N THR B 36 -1.85 -16.32 -4.72
CA THR B 36 -0.87 -17.39 -4.62
C THR B 36 -1.24 -18.39 -3.53
N LEU B 37 -1.72 -17.88 -2.40
CA LEU B 37 -2.12 -18.73 -1.29
C LEU B 37 -3.36 -19.56 -1.65
N VAL B 38 -4.35 -18.89 -2.22
CA VAL B 38 -5.59 -19.56 -2.62
C VAL B 38 -5.30 -20.68 -3.64
N MET B 39 -4.45 -20.38 -4.60
CA MET B 39 -4.09 -21.36 -5.62
C MET B 39 -3.36 -22.55 -5.01
N LEU B 40 -2.43 -22.27 -4.11
CA LEU B 40 -1.65 -23.32 -3.46
C LEU B 40 -2.57 -24.26 -2.68
N LYS B 41 -3.71 -23.73 -2.23
CA LYS B 41 -4.67 -24.52 -1.47
C LYS B 41 -5.58 -25.30 -2.41
N LYS B 42 -5.94 -24.68 -3.54
CA LYS B 42 -6.80 -25.32 -4.52
C LYS B 42 -8.22 -25.46 -3.99
N LYS B 43 -9.20 -25.36 -4.87
CA LYS B 43 -10.61 -25.47 -4.50
C LYS B 43 -10.94 -24.51 -3.36
N GLY A 1 -11.80 2.92 -15.41
CA GLY A 1 -10.90 3.35 -14.36
C GLY A 1 -10.90 4.84 -14.17
N SER A 2 -10.80 5.58 -15.27
CA SER A 2 -10.79 7.05 -15.22
C SER A 2 -9.73 7.53 -14.26
N GLN A 3 -8.47 7.41 -14.64
CA GLN A 3 -7.35 7.85 -13.81
C GLN A 3 -7.51 9.31 -13.42
N LYS A 4 -8.15 10.09 -14.29
CA LYS A 4 -8.37 11.51 -14.04
C LYS A 4 -9.04 11.72 -12.68
N LEU A 5 -9.95 10.82 -12.32
CA LEU A 5 -10.65 10.89 -11.05
C LEU A 5 -9.68 11.03 -9.89
N VAL A 6 -8.52 10.37 -10.01
CA VAL A 6 -7.50 10.41 -8.97
C VAL A 6 -6.80 11.77 -8.95
N PHE A 7 -6.65 12.37 -10.12
CA PHE A 7 -5.99 13.66 -10.24
C PHE A 7 -6.72 14.72 -9.42
N PHE A 8 -8.05 14.58 -9.34
CA PHE A 8 -8.86 15.53 -8.59
C PHE A 8 -8.56 15.45 -7.10
N ALA A 9 -8.51 14.24 -6.57
CA ALA A 9 -8.23 14.02 -5.16
C ALA A 9 -6.92 14.70 -4.76
N GLU A 10 -5.93 14.66 -5.64
CA GLU A 10 -4.65 15.27 -5.38
C GLU A 10 -4.72 16.79 -5.51
N ASP A 11 -5.57 17.25 -6.42
CA ASP A 11 -5.73 18.68 -6.66
C ASP A 11 -6.06 19.41 -5.35
N VAL A 12 -7.05 18.88 -4.62
CA VAL A 12 -7.45 19.47 -3.36
C VAL A 12 -6.55 19.03 -2.22
N GLY A 13 -6.10 17.77 -2.28
CA GLY A 13 -5.22 17.25 -1.25
C GLY A 13 -5.97 16.89 0.02
N SER A 14 -7.29 16.69 -0.10
CA SER A 14 -8.12 16.34 1.04
C SER A 14 -8.48 14.86 1.03
N ASN A 15 -7.69 14.07 0.30
CA ASN A 15 -7.92 12.64 0.20
C ASN A 15 -6.79 11.85 0.85
N LYS A 16 -6.07 12.51 1.76
CA LYS A 16 -4.96 11.87 2.46
C LYS A 16 -5.42 10.58 3.14
N GLY A 17 -6.65 10.57 3.63
CA GLY A 17 -7.17 9.40 4.29
C GLY A 17 -7.07 8.16 3.44
N ALA A 18 -7.38 8.29 2.16
CA ALA A 18 -7.32 7.16 1.23
C ALA A 18 -5.87 6.78 0.94
N ILE A 19 -5.04 7.78 0.66
CA ILE A 19 -3.63 7.55 0.37
C ILE A 19 -2.96 6.77 1.48
N ILE A 20 -3.03 7.30 2.70
CA ILE A 20 -2.43 6.65 3.85
C ILE A 20 -2.99 5.24 4.05
N GLY A 21 -4.30 5.12 4.03
CA GLY A 21 -4.94 3.83 4.19
C GLY A 21 -4.58 2.85 3.08
N LEU A 22 -4.18 3.39 1.93
CA LEU A 22 -3.80 2.56 0.79
C LEU A 22 -2.42 1.94 1.01
N MET A 23 -1.44 2.78 1.29
CA MET A 23 -0.07 2.30 1.51
C MET A 23 0.03 1.57 2.84
N VAL A 24 -0.64 2.10 3.86
CA VAL A 24 -0.62 1.48 5.18
C VAL A 24 -1.45 0.20 5.21
N GLY A 25 -2.70 0.30 4.75
CA GLY A 25 -3.58 -0.85 4.74
C GLY A 25 -3.05 -1.97 3.85
N GLY A 26 -2.32 -1.60 2.81
CA GLY A 26 -1.76 -2.58 1.91
C GLY A 26 -0.60 -3.34 2.51
N VAL A 27 0.38 -2.59 3.02
CA VAL A 27 1.55 -3.21 3.63
C VAL A 27 1.17 -4.13 4.78
N VAL A 28 0.14 -3.73 5.52
CA VAL A 28 -0.34 -4.53 6.65
C VAL A 28 -0.96 -5.84 6.18
N ILE A 29 -1.93 -5.75 5.27
CA ILE A 29 -2.60 -6.91 4.74
C ILE A 29 -1.60 -7.87 4.07
N ALA A 30 -0.77 -7.32 3.20
CA ALA A 30 0.24 -8.11 2.50
C ALA A 30 1.06 -8.94 3.48
N THR A 31 1.72 -8.27 4.41
CA THR A 31 2.55 -8.94 5.42
C THR A 31 1.77 -10.05 6.11
N VAL A 32 0.58 -9.71 6.61
CA VAL A 32 -0.25 -10.68 7.31
C VAL A 32 -0.43 -11.94 6.47
N ILE A 33 -0.85 -11.77 5.21
CA ILE A 33 -1.06 -12.89 4.31
C ILE A 33 0.24 -13.67 4.10
N VAL A 34 1.33 -12.95 3.92
CA VAL A 34 2.64 -13.57 3.71
C VAL A 34 3.03 -14.44 4.90
N ILE A 35 3.03 -13.85 6.09
CA ILE A 35 3.39 -14.57 7.30
C ILE A 35 2.52 -15.81 7.47
N THR A 36 1.26 -15.72 7.03
CA THR A 36 0.33 -16.84 7.14
C THR A 36 0.76 -17.98 6.23
N LEU A 37 0.96 -17.70 4.96
CA LEU A 37 1.35 -18.70 3.99
C LEU A 37 2.66 -19.38 4.42
N VAL A 38 3.61 -18.58 4.88
CA VAL A 38 4.89 -19.09 5.32
C VAL A 38 4.76 -19.83 6.64
N MET A 39 3.80 -19.42 7.46
CA MET A 39 3.56 -20.05 8.76
C MET A 39 3.04 -21.47 8.58
N LEU A 40 2.26 -21.70 7.53
CA LEU A 40 1.69 -23.01 7.25
C LEU A 40 2.59 -23.79 6.29
N LYS A 41 3.24 -23.08 5.38
CA LYS A 41 4.13 -23.69 4.41
C LYS A 41 5.52 -23.93 5.01
N LYS A 42 5.73 -23.38 6.20
CA LYS A 42 7.02 -23.53 6.87
C LYS A 42 6.96 -22.92 8.28
N LYS A 43 8.12 -22.80 8.91
CA LYS A 43 8.22 -22.24 10.25
C LYS A 43 8.16 -20.71 10.19
N GLY B 1 11.77 7.29 15.70
CA GLY B 1 10.90 7.44 14.55
C GLY B 1 11.04 8.80 13.90
N SER B 2 11.02 9.85 14.71
CA SER B 2 11.14 11.21 14.20
C SER B 2 10.12 11.47 13.09
N GLN B 3 8.86 11.58 13.48
CA GLN B 3 7.79 11.83 12.51
C GLN B 3 8.07 13.07 11.69
N LYS B 4 8.78 14.02 12.28
CA LYS B 4 9.13 15.27 11.60
C LYS B 4 9.81 14.97 10.27
N LEU B 5 10.63 13.94 10.23
CA LEU B 5 11.33 13.55 9.01
C LEU B 5 10.37 13.39 7.85
N VAL B 6 9.16 12.91 8.15
CA VAL B 6 8.14 12.72 7.12
C VAL B 6 7.56 14.05 6.66
N PHE B 7 7.46 14.99 7.61
CA PHE B 7 6.90 16.31 7.30
C PHE B 7 7.72 16.99 6.21
N PHE B 8 9.03 16.74 6.20
CA PHE B 8 9.93 17.34 5.22
C PHE B 8 9.60 16.85 3.82
N ALA B 9 9.45 15.53 3.68
CA ALA B 9 9.12 14.93 2.39
C ALA B 9 7.87 15.56 1.79
N GLU B 10 6.89 15.84 2.64
CA GLU B 10 5.64 16.44 2.18
C GLU B 10 5.83 17.93 1.89
N ASP B 11 6.71 18.57 2.64
CA ASP B 11 6.98 19.99 2.46
C ASP B 11 7.34 20.29 1.01
N VAL B 12 8.26 19.51 0.46
CA VAL B 12 8.69 19.70 -0.93
C VAL B 12 7.73 19.03 -1.90
N GLY B 13 7.20 17.87 -1.49
CA GLY B 13 6.27 17.14 -2.34
C GLY B 13 6.96 16.43 -3.49
N SER B 14 8.27 16.19 -3.33
CA SER B 14 9.04 15.52 -4.36
C SER B 14 9.32 14.07 -3.98
N ASN B 15 8.47 13.52 -3.13
CA ASN B 15 8.61 12.14 -2.69
C ASN B 15 7.46 11.28 -3.17
N LYS B 16 6.78 11.74 -4.23
CA LYS B 16 5.65 11.01 -4.79
C LYS B 16 6.05 9.59 -5.16
N GLY B 17 7.28 9.44 -5.64
CA GLY B 17 7.77 8.12 -6.03
C GLY B 17 7.60 7.09 -4.94
N ALA B 18 7.91 7.48 -3.70
CA ALA B 18 7.80 6.58 -2.57
C ALA B 18 6.33 6.33 -2.21
N ILE B 19 5.56 7.41 -2.13
CA ILE B 19 4.14 7.31 -1.81
C ILE B 19 3.41 6.39 -2.78
N ILE B 20 3.49 6.73 -4.06
CA ILE B 20 2.84 5.93 -5.09
C ILE B 20 3.34 4.48 -5.07
N GLY B 21 4.66 4.32 -5.03
CA GLY B 21 5.24 3.00 -5.00
C GLY B 21 4.83 2.21 -3.77
N LEU B 22 4.40 2.91 -2.74
CA LEU B 22 3.97 2.27 -1.49
C LEU B 22 2.56 1.72 -1.62
N MET B 23 1.62 2.60 -2.01
CA MET B 23 0.23 2.20 -2.16
C MET B 23 0.06 1.27 -3.37
N VAL B 24 0.78 1.57 -4.45
CA VAL B 24 0.71 0.76 -5.66
C VAL B 24 1.44 -0.56 -5.48
N GLY B 25 2.68 -0.48 -5.03
CA GLY B 25 3.48 -1.68 -4.82
C GLY B 25 2.85 -2.62 -3.81
N GLY B 26 2.14 -2.05 -2.84
CA GLY B 26 1.49 -2.86 -1.83
C GLY B 26 0.27 -3.58 -2.34
N VAL B 27 -0.64 -2.83 -2.94
CA VAL B 27 -1.87 -3.41 -3.49
C VAL B 27 -1.56 -4.52 -4.49
N VAL B 28 -0.50 -4.32 -5.27
CA VAL B 28 -0.10 -5.31 -6.27
C VAL B 28 0.42 -6.58 -5.61
N ILE B 29 1.43 -6.43 -4.75
CA ILE B 29 2.01 -7.57 -4.06
C ILE B 29 0.95 -8.31 -3.25
N ALA B 30 0.18 -7.57 -2.46
CA ALA B 30 -0.86 -8.16 -1.64
C ALA B 30 -1.76 -9.07 -2.47
N THR B 31 -2.41 -8.49 -3.48
CA THR B 31 -3.30 -9.24 -4.35
C THR B 31 -2.63 -10.50 -4.88
N VAL B 32 -1.44 -10.34 -5.44
CA VAL B 32 -0.68 -11.46 -5.99
C VAL B 32 -0.58 -12.59 -4.98
N ILE B 33 -0.07 -12.27 -3.78
CA ILE B 33 0.09 -13.26 -2.73
C ILE B 33 -1.25 -13.90 -2.37
N VAL B 34 -2.29 -13.07 -2.30
CA VAL B 34 -3.63 -13.56 -1.97
C VAL B 34 -4.12 -14.56 -3.00
N ILE B 35 -4.19 -14.12 -4.26
CA ILE B 35 -4.65 -14.98 -5.35
C ILE B 35 -3.87 -16.30 -5.36
N THR B 36 -2.62 -16.25 -4.93
CA THR B 36 -1.78 -17.44 -4.89
C THR B 36 -2.29 -18.44 -3.86
N LEU B 37 -2.39 -18.00 -2.62
CA LEU B 37 -2.86 -18.86 -1.54
C LEU B 37 -4.30 -19.29 -1.78
N VAL B 38 -5.11 -18.37 -2.29
CA VAL B 38 -6.52 -18.65 -2.58
C VAL B 38 -6.66 -19.76 -3.61
N MET B 39 -5.75 -19.77 -4.58
CA MET B 39 -5.77 -20.78 -5.64
C MET B 39 -5.07 -22.05 -5.18
N LEU B 40 -3.74 -22.01 -5.14
CA LEU B 40 -2.95 -23.16 -4.73
C LEU B 40 -1.46 -22.81 -4.68
N LYS B 41 -0.89 -22.55 -5.84
CA LYS B 41 0.52 -22.20 -5.94
C LYS B 41 0.69 -20.79 -6.50
N LYS B 42 -0.34 -20.29 -7.17
CA LYS B 42 -0.30 -18.95 -7.74
C LYS B 42 -1.62 -18.62 -8.44
N LYS B 43 -1.63 -17.52 -9.18
CA LYS B 43 -2.83 -17.09 -9.90
C LYS B 43 -2.97 -17.85 -11.21
N GLY A 1 -5.62 11.85 -16.77
CA GLY A 1 -6.52 12.30 -15.72
C GLY A 1 -6.87 13.77 -15.85
N SER A 2 -7.97 14.18 -15.22
CA SER A 2 -8.41 15.57 -15.27
C SER A 2 -7.87 16.35 -14.08
N GLN A 3 -7.74 17.67 -14.26
CA GLN A 3 -7.24 18.53 -13.20
C GLN A 3 -8.22 18.61 -12.05
N LYS A 4 -9.50 18.53 -12.36
CA LYS A 4 -10.55 18.60 -11.35
C LYS A 4 -10.32 17.56 -10.26
N LEU A 5 -9.72 16.43 -10.64
CA LEU A 5 -9.44 15.36 -9.70
C LEU A 5 -8.45 15.82 -8.63
N VAL A 6 -7.56 16.72 -9.00
CA VAL A 6 -6.56 17.25 -8.07
C VAL A 6 -7.13 18.42 -7.27
N PHE A 7 -7.58 19.46 -7.97
CA PHE A 7 -8.14 20.63 -7.33
C PHE A 7 -9.22 20.24 -6.32
N PHE A 8 -9.84 19.09 -6.55
CA PHE A 8 -10.89 18.60 -5.67
C PHE A 8 -10.31 18.12 -4.34
N ALA A 9 -9.22 17.36 -4.42
CA ALA A 9 -8.57 16.85 -3.22
C ALA A 9 -8.22 17.98 -2.25
N GLU A 10 -7.55 19.01 -2.77
CA GLU A 10 -7.16 20.14 -1.95
C GLU A 10 -8.38 20.86 -1.40
N ASP A 11 -9.48 20.80 -2.13
CA ASP A 11 -10.73 21.44 -1.72
C ASP A 11 -11.17 20.94 -0.35
N VAL A 12 -11.31 19.63 -0.23
CA VAL A 12 -11.73 19.01 1.03
C VAL A 12 -10.59 19.00 2.04
N GLY A 13 -9.41 18.55 1.59
CA GLY A 13 -8.26 18.49 2.47
C GLY A 13 -8.25 17.26 3.35
N SER A 14 -9.02 16.24 2.94
CA SER A 14 -9.11 15.01 3.70
C SER A 14 -8.66 13.82 2.87
N ASN A 15 -7.89 14.10 1.81
CA ASN A 15 -7.39 13.05 0.93
C ASN A 15 -6.17 12.37 1.52
N LYS A 16 -5.43 13.11 2.35
CA LYS A 16 -4.23 12.57 2.98
C LYS A 16 -4.52 11.26 3.69
N GLY A 17 -5.66 11.21 4.40
CA GLY A 17 -6.04 10.01 5.11
C GLY A 17 -6.23 8.82 4.19
N ALA A 18 -6.75 9.09 2.99
CA ALA A 18 -6.98 8.04 2.02
C ALA A 18 -5.66 7.46 1.49
N ILE A 19 -4.77 8.34 1.05
CA ILE A 19 -3.48 7.93 0.52
C ILE A 19 -2.71 7.11 1.56
N ILE A 20 -2.46 7.71 2.72
CA ILE A 20 -1.74 7.04 3.79
C ILE A 20 -2.40 5.71 4.16
N GLY A 21 -3.71 5.77 4.43
CA GLY A 21 -4.43 4.57 4.78
C GLY A 21 -4.30 3.47 3.74
N LEU A 22 -4.09 3.87 2.50
CA LEU A 22 -3.95 2.91 1.40
C LEU A 22 -2.58 2.22 1.47
N MET A 23 -1.52 3.02 1.52
CA MET A 23 -0.17 2.47 1.59
C MET A 23 0.05 1.69 2.89
N VAL A 24 -0.49 2.23 3.98
CA VAL A 24 -0.36 1.57 5.28
C VAL A 24 -1.16 0.28 5.33
N GLY A 25 -2.44 0.36 4.98
CA GLY A 25 -3.29 -0.82 4.98
C GLY A 25 -2.83 -1.87 3.99
N GLY A 26 -2.31 -1.43 2.86
CA GLY A 26 -1.83 -2.35 1.85
C GLY A 26 -0.64 -3.16 2.31
N VAL A 27 0.34 -2.48 2.90
CA VAL A 27 1.54 -3.15 3.40
C VAL A 27 1.20 -4.13 4.52
N VAL A 28 0.27 -3.74 5.38
CA VAL A 28 -0.14 -4.58 6.50
C VAL A 28 -0.78 -5.87 6.01
N ILE A 29 -1.87 -5.72 5.25
CA ILE A 29 -2.59 -6.87 4.72
C ILE A 29 -1.65 -7.82 3.99
N ALA A 30 -0.80 -7.26 3.12
CA ALA A 30 0.15 -8.06 2.36
C ALA A 30 0.97 -8.96 3.29
N THR A 31 1.58 -8.35 4.30
CA THR A 31 2.40 -9.08 5.26
C THR A 31 1.58 -10.17 5.96
N VAL A 32 0.30 -9.87 6.20
CA VAL A 32 -0.59 -10.82 6.86
C VAL A 32 -0.75 -12.10 6.05
N ILE A 33 -0.94 -11.93 4.75
CA ILE A 33 -1.10 -13.08 3.86
C ILE A 33 0.21 -13.83 3.68
N VAL A 34 1.32 -13.09 3.71
CA VAL A 34 2.64 -13.69 3.56
C VAL A 34 3.00 -14.54 4.78
N ILE A 35 2.93 -13.94 5.96
CA ILE A 35 3.25 -14.66 7.19
C ILE A 35 2.32 -15.85 7.39
N THR A 36 1.06 -15.68 7.00
CA THR A 36 0.07 -16.74 7.13
C THR A 36 0.31 -17.85 6.10
N LEU A 37 0.71 -17.45 4.90
CA LEU A 37 0.97 -18.41 3.83
C LEU A 37 2.20 -19.25 4.14
N VAL A 38 3.23 -18.61 4.69
CA VAL A 38 4.46 -19.31 5.03
C VAL A 38 4.23 -20.31 6.16
N MET A 39 3.66 -19.82 7.26
CA MET A 39 3.39 -20.68 8.42
C MET A 39 2.45 -21.82 8.03
N LEU A 40 1.53 -21.54 7.12
CA LEU A 40 0.57 -22.55 6.68
C LEU A 40 1.29 -23.76 6.09
N LYS A 41 2.50 -23.54 5.58
CA LYS A 41 3.30 -24.60 4.99
C LYS A 41 4.29 -25.16 6.00
N LYS A 42 4.96 -24.27 6.73
CA LYS A 42 5.93 -24.67 7.73
C LYS A 42 5.35 -24.54 9.14
N LYS A 43 4.39 -25.40 9.46
CA LYS A 43 3.76 -25.38 10.77
C LYS A 43 4.49 -26.30 11.74
N GLY B 1 7.24 19.54 16.17
CA GLY B 1 7.54 20.48 15.11
C GLY B 1 6.64 20.32 13.91
N SER B 2 6.55 21.36 13.08
CA SER B 2 5.71 21.33 11.89
C SER B 2 6.50 20.86 10.68
N GLN B 3 5.80 20.30 9.69
CA GLN B 3 6.44 19.82 8.47
C GLN B 3 6.98 20.98 7.65
N LYS B 4 6.29 22.11 7.70
CA LYS B 4 6.70 23.30 6.96
C LYS B 4 8.14 23.67 7.27
N LEU B 5 8.58 23.37 8.49
CA LEU B 5 9.93 23.66 8.91
C LEU B 5 10.95 22.88 8.08
N VAL B 6 10.55 21.69 7.65
CA VAL B 6 11.42 20.84 6.84
C VAL B 6 11.32 21.20 5.37
N PHE B 7 10.11 21.13 4.83
CA PHE B 7 9.88 21.45 3.42
C PHE B 7 10.88 20.72 2.52
N PHE B 8 11.34 19.57 2.98
CA PHE B 8 12.30 18.77 2.22
C PHE B 8 11.63 18.11 1.02
N ALA B 9 10.45 17.54 1.25
CA ALA B 9 9.71 16.87 0.17
C ALA B 9 9.47 17.83 -1.00
N GLU B 10 8.93 19.00 -0.69
CA GLU B 10 8.66 20.01 -1.72
C GLU B 10 9.94 20.46 -2.40
N ASP B 11 11.05 20.40 -1.67
CA ASP B 11 12.35 20.81 -2.19
C ASP B 11 12.70 20.00 -3.44
N VAL B 12 12.69 18.68 -3.31
CA VAL B 12 13.01 17.79 -4.42
C VAL B 12 11.84 17.70 -5.40
N GLY B 13 10.64 17.47 -4.88
CA GLY B 13 9.47 17.38 -5.71
C GLY B 13 9.34 16.01 -6.37
N SER B 14 10.01 15.02 -5.80
CA SER B 14 9.97 13.66 -6.33
C SER B 14 9.44 12.68 -5.28
N ASN B 15 8.68 13.21 -4.32
CA ASN B 15 8.12 12.38 -3.26
C ASN B 15 6.86 11.67 -3.73
N LYS B 16 6.17 12.28 -4.68
CA LYS B 16 4.94 11.71 -5.23
C LYS B 16 5.16 10.27 -5.70
N GLY B 17 6.28 10.05 -6.38
CA GLY B 17 6.59 8.72 -6.87
C GLY B 17 6.74 7.71 -5.75
N ALA B 18 7.26 8.15 -4.62
CA ALA B 18 7.45 7.28 -3.47
C ALA B 18 6.11 6.87 -2.86
N ILE B 19 5.28 7.86 -2.56
CA ILE B 19 3.97 7.62 -1.98
C ILE B 19 3.14 6.71 -2.87
N ILE B 20 2.91 7.15 -4.10
CA ILE B 20 2.13 6.37 -5.05
C ILE B 20 2.70 4.97 -5.23
N GLY B 21 3.99 4.90 -5.52
CA GLY B 21 4.64 3.62 -5.70
C GLY B 21 4.47 2.70 -4.51
N LEU B 22 4.30 3.29 -3.33
CA LEU B 22 4.12 2.52 -2.10
C LEU B 22 2.72 1.90 -2.05
N MET B 23 1.71 2.75 -2.20
CA MET B 23 0.32 2.30 -2.18
C MET B 23 0.04 1.34 -3.34
N VAL B 24 0.57 1.67 -4.51
CA VAL B 24 0.38 0.85 -5.70
C VAL B 24 1.09 -0.49 -5.56
N GLY B 25 2.38 -0.44 -5.23
CA GLY B 25 3.15 -1.65 -5.08
C GLY B 25 2.65 -2.53 -3.95
N GLY B 26 2.17 -1.90 -2.88
CA GLY B 26 1.65 -2.63 -1.75
C GLY B 26 0.40 -3.42 -2.08
N VAL B 27 -0.54 -2.77 -2.77
CA VAL B 27 -1.79 -3.42 -3.15
C VAL B 27 -1.54 -4.56 -4.12
N VAL B 28 -0.59 -4.37 -5.03
CA VAL B 28 -0.25 -5.40 -6.01
C VAL B 28 0.31 -6.64 -5.34
N ILE B 29 1.41 -6.46 -4.60
CA ILE B 29 2.04 -7.58 -3.90
C ILE B 29 1.03 -8.34 -3.06
N ALA B 30 0.24 -7.62 -2.28
CA ALA B 30 -0.77 -8.23 -1.42
C ALA B 30 -1.66 -9.17 -2.23
N THR B 31 -2.22 -8.68 -3.32
CA THR B 31 -3.09 -9.48 -4.18
C THR B 31 -2.36 -10.71 -4.71
N VAL B 32 -1.06 -10.54 -4.99
CA VAL B 32 -0.25 -11.63 -5.50
C VAL B 32 -0.19 -12.79 -4.52
N ILE B 33 0.03 -12.47 -3.25
CA ILE B 33 0.11 -13.49 -2.21
C ILE B 33 -1.25 -14.10 -1.94
N VAL B 34 -2.30 -13.31 -2.10
CA VAL B 34 -3.67 -13.78 -1.89
C VAL B 34 -4.08 -14.78 -2.96
N ILE B 35 -4.00 -14.36 -4.22
CA ILE B 35 -4.36 -15.21 -5.35
C ILE B 35 -3.51 -16.48 -5.37
N THR B 36 -2.24 -16.35 -4.98
CA THR B 36 -1.34 -17.48 -4.95
C THR B 36 -1.63 -18.40 -3.77
N LEU B 37 -2.00 -17.80 -2.64
CA LEU B 37 -2.31 -18.57 -1.44
C LEU B 37 -3.59 -19.37 -1.62
N VAL B 38 -4.58 -18.76 -2.26
CA VAL B 38 -5.86 -19.42 -2.51
C VAL B 38 -5.70 -20.58 -3.48
N MET B 39 -5.13 -20.29 -4.64
CA MET B 39 -4.91 -21.31 -5.66
C MET B 39 -4.03 -22.44 -5.14
N LEU B 40 -3.10 -22.09 -4.26
CA LEU B 40 -2.19 -23.07 -3.68
C LEU B 40 -2.97 -24.17 -2.94
N LYS B 41 -4.16 -23.81 -2.47
CA LYS B 41 -5.01 -24.76 -1.76
C LYS B 41 -6.04 -25.38 -2.69
N LYS B 42 -6.66 -24.56 -3.52
CA LYS B 42 -7.66 -25.03 -4.47
C LYS B 42 -7.08 -25.12 -5.88
N LYS B 43 -6.17 -26.06 -6.08
CA LYS B 43 -5.54 -26.24 -7.39
C LYS B 43 -6.32 -27.22 -8.25
N GLY A 1 -4.64 23.28 4.35
CA GLY A 1 -4.57 24.42 3.45
C GLY A 1 -5.76 25.33 3.57
N SER A 2 -6.39 25.63 2.43
CA SER A 2 -7.56 26.51 2.42
C SER A 2 -8.84 25.72 2.60
N GLN A 3 -9.95 26.43 2.79
CA GLN A 3 -11.24 25.79 2.99
C GLN A 3 -11.79 25.25 1.68
N LYS A 4 -11.47 25.93 0.58
CA LYS A 4 -11.92 25.52 -0.74
C LYS A 4 -11.28 24.20 -1.15
N LEU A 5 -10.05 23.98 -0.70
CA LEU A 5 -9.32 22.76 -1.02
C LEU A 5 -10.00 21.55 -0.43
N VAL A 6 -10.44 21.67 0.83
CA VAL A 6 -11.12 20.57 1.52
C VAL A 6 -12.47 20.28 0.87
N PHE A 7 -13.16 21.33 0.45
CA PHE A 7 -14.46 21.19 -0.18
C PHE A 7 -14.41 20.18 -1.33
N PHE A 8 -13.22 20.02 -1.90
CA PHE A 8 -13.03 19.09 -3.00
C PHE A 8 -13.51 17.69 -2.63
N ALA A 9 -13.40 17.36 -1.35
CA ALA A 9 -13.83 16.05 -0.86
C ALA A 9 -15.27 15.77 -1.24
N GLU A 10 -16.07 16.82 -1.31
CA GLU A 10 -17.49 16.69 -1.66
C GLU A 10 -17.65 16.04 -3.04
N ASP A 11 -16.65 16.23 -3.89
CA ASP A 11 -16.67 15.67 -5.23
C ASP A 11 -16.25 14.20 -5.22
N VAL A 12 -15.07 13.94 -4.67
CA VAL A 12 -14.54 12.58 -4.59
C VAL A 12 -14.75 11.99 -3.20
N GLY A 13 -14.03 12.51 -2.22
CA GLY A 13 -14.16 12.03 -0.86
C GLY A 13 -13.04 11.08 -0.49
N SER A 14 -11.81 11.44 -0.84
CA SER A 14 -10.65 10.61 -0.55
C SER A 14 -9.73 11.30 0.44
N ASN A 15 -9.28 12.50 0.09
CA ASN A 15 -8.39 13.28 0.95
C ASN A 15 -7.10 12.50 1.22
N LYS A 16 -6.20 13.12 1.99
CA LYS A 16 -4.93 12.49 2.33
C LYS A 16 -5.15 11.21 3.12
N GLY A 17 -6.18 11.21 3.97
CA GLY A 17 -6.48 10.03 4.77
C GLY A 17 -6.64 8.79 3.93
N ALA A 18 -7.18 8.94 2.73
CA ALA A 18 -7.39 7.82 1.83
C ALA A 18 -6.06 7.24 1.35
N ILE A 19 -5.20 8.12 0.82
CA ILE A 19 -3.90 7.69 0.33
C ILE A 19 -3.11 6.95 1.40
N ILE A 20 -2.97 7.58 2.57
CA ILE A 20 -2.24 6.98 3.67
C ILE A 20 -2.82 5.61 4.04
N GLY A 21 -4.15 5.55 4.15
CA GLY A 21 -4.80 4.31 4.49
C GLY A 21 -4.55 3.22 3.47
N LEU A 22 -4.31 3.62 2.23
CA LEU A 22 -4.05 2.67 1.15
C LEU A 22 -2.65 2.08 1.28
N MET A 23 -1.65 2.94 1.44
CA MET A 23 -0.27 2.50 1.58
C MET A 23 -0.07 1.74 2.89
N VAL A 24 -0.68 2.25 3.96
CA VAL A 24 -0.57 1.62 5.27
C VAL A 24 -1.32 0.30 5.31
N GLY A 25 -2.58 0.32 4.91
CA GLY A 25 -3.38 -0.88 4.91
C GLY A 25 -2.88 -1.91 3.93
N GLY A 26 -2.32 -1.44 2.82
CA GLY A 26 -1.80 -2.35 1.81
C GLY A 26 -0.58 -3.12 2.29
N VAL A 27 0.36 -2.42 2.90
CA VAL A 27 1.57 -3.05 3.41
C VAL A 27 1.26 -4.03 4.54
N VAL A 28 0.33 -3.65 5.41
CA VAL A 28 -0.07 -4.49 6.52
C VAL A 28 -0.71 -5.78 6.03
N ILE A 29 -1.80 -5.64 5.28
CA ILE A 29 -2.50 -6.81 4.75
C ILE A 29 -1.55 -7.74 4.02
N ALA A 30 -0.70 -7.16 3.17
CA ALA A 30 0.26 -7.95 2.40
C ALA A 30 1.08 -8.87 3.32
N THR A 31 1.75 -8.27 4.30
CA THR A 31 2.56 -9.03 5.24
C THR A 31 1.74 -10.10 5.93
N VAL A 32 0.51 -9.76 6.29
CA VAL A 32 -0.38 -10.70 6.96
C VAL A 32 -0.54 -11.98 6.15
N ILE A 33 -0.78 -11.84 4.85
CA ILE A 33 -0.94 -12.99 3.97
C ILE A 33 0.39 -13.71 3.75
N VAL A 34 1.47 -12.94 3.75
CA VAL A 34 2.80 -13.51 3.55
C VAL A 34 3.20 -14.39 4.74
N ILE A 35 3.15 -13.83 5.93
CA ILE A 35 3.50 -14.58 7.14
C ILE A 35 2.57 -15.77 7.34
N THR A 36 1.30 -15.58 6.99
CA THR A 36 0.32 -16.65 7.13
C THR A 36 0.51 -17.73 6.08
N LEU A 37 0.89 -17.32 4.88
CA LEU A 37 1.13 -18.26 3.78
C LEU A 37 2.31 -19.16 4.07
N VAL A 38 3.40 -18.56 4.55
CA VAL A 38 4.61 -19.32 4.88
C VAL A 38 4.42 -20.13 6.15
N MET A 39 3.59 -19.61 7.06
CA MET A 39 3.32 -20.31 8.31
C MET A 39 2.55 -21.60 8.08
N LEU A 40 1.62 -21.56 7.12
CA LEU A 40 0.81 -22.73 6.81
C LEU A 40 1.67 -23.86 6.25
N LYS A 41 2.62 -23.51 5.37
CA LYS A 41 3.51 -24.49 4.78
C LYS A 41 4.64 -24.84 5.74
N LYS A 42 4.96 -23.93 6.64
CA LYS A 42 6.02 -24.14 7.62
C LYS A 42 7.36 -24.39 6.93
N LYS A 43 8.04 -23.30 6.58
CA LYS A 43 9.33 -23.41 5.92
C LYS A 43 10.46 -23.51 6.93
N GLY B 1 7.82 28.25 -3.50
CA GLY B 1 8.16 28.34 -4.91
C GLY B 1 8.04 27.00 -5.62
N SER B 2 9.09 26.61 -6.33
CA SER B 2 9.10 25.36 -7.06
C SER B 2 9.61 24.22 -6.19
N GLN B 3 9.48 22.99 -6.68
CA GLN B 3 9.93 21.82 -5.94
C GLN B 3 11.45 21.70 -5.97
N LYS B 4 12.05 22.13 -7.08
CA LYS B 4 13.49 22.08 -7.23
C LYS B 4 14.18 23.05 -6.28
N LEU B 5 13.52 24.16 -6.01
CA LEU B 5 14.07 25.17 -5.11
C LEU B 5 14.23 24.62 -3.69
N VAL B 6 13.21 23.91 -3.23
CA VAL B 6 13.24 23.31 -1.89
C VAL B 6 14.30 22.23 -1.79
N PHE B 7 14.45 21.46 -2.86
CA PHE B 7 15.44 20.38 -2.89
C PHE B 7 15.33 19.51 -1.65
N PHE B 8 14.13 19.44 -1.08
CA PHE B 8 13.90 18.64 0.12
C PHE B 8 14.34 17.19 -0.09
N ALA B 9 14.23 16.73 -1.34
CA ALA B 9 14.63 15.36 -1.67
C ALA B 9 16.06 15.08 -1.24
N GLU B 10 16.89 16.12 -1.30
CA GLU B 10 18.31 15.98 -0.93
C GLU B 10 18.44 15.52 0.52
N ASP B 11 17.45 15.87 1.33
CA ASP B 11 17.45 15.48 2.74
C ASP B 11 16.97 14.05 2.93
N VAL B 12 15.77 13.76 2.41
CA VAL B 12 15.20 12.42 2.52
C VAL B 12 15.39 11.65 1.22
N GLY B 13 14.67 12.06 0.18
CA GLY B 13 14.77 11.39 -1.10
C GLY B 13 13.63 10.43 -1.35
N SER B 14 12.41 10.88 -1.03
CA SER B 14 11.22 10.05 -1.21
C SER B 14 10.31 10.63 -2.28
N ASN B 15 9.90 11.88 -2.08
CA ASN B 15 9.03 12.57 -3.04
C ASN B 15 7.72 11.80 -3.19
N LYS B 16 6.82 12.35 -4.02
CA LYS B 16 5.53 11.72 -4.26
C LYS B 16 5.69 10.34 -4.88
N GLY B 17 6.72 10.20 -5.73
CA GLY B 17 6.97 8.91 -6.37
C GLY B 17 7.09 7.78 -5.37
N ALA B 18 7.64 8.08 -4.20
CA ALA B 18 7.81 7.07 -3.16
C ALA B 18 6.46 6.63 -2.60
N ILE B 19 5.65 7.59 -2.18
CA ILE B 19 4.34 7.30 -1.64
C ILE B 19 3.50 6.46 -2.61
N ILE B 20 3.38 6.93 -3.83
CA ILE B 20 2.62 6.23 -4.85
C ILE B 20 3.12 4.79 -5.02
N GLY B 21 4.44 4.65 -5.13
CA GLY B 21 5.02 3.33 -5.30
C GLY B 21 4.71 2.41 -4.14
N LEU B 22 4.50 2.99 -2.96
CA LEU B 22 4.20 2.21 -1.77
C LEU B 22 2.77 1.70 -1.80
N MET B 23 1.83 2.60 -2.07
CA MET B 23 0.41 2.23 -2.14
C MET B 23 0.15 1.32 -3.32
N VAL B 24 0.76 1.63 -4.46
CA VAL B 24 0.59 0.83 -5.67
C VAL B 24 1.26 -0.53 -5.52
N GLY B 25 2.53 -0.53 -5.15
CA GLY B 25 3.26 -1.77 -4.97
C GLY B 25 2.70 -2.62 -3.86
N GLY B 26 2.18 -1.97 -2.83
CA GLY B 26 1.62 -2.69 -1.70
C GLY B 26 0.36 -3.45 -2.07
N VAL B 27 -0.56 -2.77 -2.76
CA VAL B 27 -1.81 -3.38 -3.17
C VAL B 27 -1.57 -4.52 -4.15
N VAL B 28 -0.64 -4.33 -5.07
CA VAL B 28 -0.31 -5.35 -6.06
C VAL B 28 0.24 -6.60 -5.39
N ILE B 29 1.35 -6.45 -4.67
CA ILE B 29 1.98 -7.56 -3.98
C ILE B 29 0.96 -8.33 -3.13
N ALA B 30 0.19 -7.58 -2.35
CA ALA B 30 -0.83 -8.19 -1.50
C ALA B 30 -1.71 -9.14 -2.28
N THR B 31 -2.36 -8.63 -3.32
CA THR B 31 -3.24 -9.43 -4.15
C THR B 31 -2.52 -10.66 -4.70
N VAL B 32 -1.27 -10.47 -5.12
CA VAL B 32 -0.47 -11.55 -5.65
C VAL B 32 -0.41 -12.73 -4.68
N ILE B 33 -0.11 -12.43 -3.42
CA ILE B 33 -0.02 -13.46 -2.39
C ILE B 33 -1.39 -14.04 -2.08
N VAL B 34 -2.43 -13.22 -2.21
CA VAL B 34 -3.80 -13.65 -1.95
C VAL B 34 -4.26 -14.68 -2.97
N ILE B 35 -4.21 -14.32 -4.24
CA ILE B 35 -4.62 -15.22 -5.31
C ILE B 35 -3.75 -16.48 -5.32
N THR B 36 -2.48 -16.32 -4.99
CA THR B 36 -1.55 -17.45 -4.97
C THR B 36 -1.82 -18.35 -3.77
N LEU B 37 -2.20 -17.74 -2.64
CA LEU B 37 -2.49 -18.50 -1.43
C LEU B 37 -3.73 -19.35 -1.60
N VAL B 38 -4.78 -18.77 -2.16
CA VAL B 38 -6.03 -19.48 -2.39
C VAL B 38 -5.90 -20.47 -3.54
N MET B 39 -5.02 -20.16 -4.49
CA MET B 39 -4.80 -21.02 -5.64
C MET B 39 -4.12 -22.32 -5.23
N LEU B 40 -3.19 -22.23 -4.28
CA LEU B 40 -2.47 -23.39 -3.80
C LEU B 40 -3.42 -24.37 -3.09
N LYS B 41 -4.32 -23.83 -2.29
CA LYS B 41 -5.29 -24.65 -1.57
C LYS B 41 -6.44 -25.06 -2.48
N LYS B 42 -6.69 -24.25 -3.50
CA LYS B 42 -7.77 -24.53 -4.45
C LYS B 42 -9.11 -24.57 -3.74
N LYS B 43 -9.72 -23.41 -3.56
CA LYS B 43 -11.02 -23.31 -2.89
C LYS B 43 -12.15 -23.48 -3.89
#